data_2APJ
#
_entry.id   2APJ
#
_cell.length_a   40.688
_cell.length_b   71.918
_cell.length_c   93.213
_cell.angle_alpha   108.16
_cell.angle_beta   93.25
_cell.angle_gamma   90.40
#
_symmetry.space_group_name_H-M   'P 1'
#
loop_
_entity.id
_entity.type
_entity.pdbx_description
1 polymer 'Putative Esterase'
2 water water
#
_entity_poly.entity_id   1
_entity_poly.type   'polypeptide(L)'
_entity_poly.pdbx_seq_one_letter_code
;MEGGSITPGEDKPEIQSPIPPNQIFILSGQ(SEB)NMAGRGGVFKDHHNNRWVWDKILPPECAPNSSILRLSADLRWEEA
HEPLHVDIDTGKVCGVGPGMAFANAVKNRLETDSAVIGLVPCASGGTAIKEWERGSHLYERMVKRTEESRKCGGEIKAVL
WYQGESDVLDIHDAESYGNNMDRLIKNLRHDLNLPSLPIIQVAIASGGGYIDKVREAQLGLKLSNVVCVDAKGLPLKSDN
LHLTTEAQVQLGLSLAQAYLSNFC
;
_entity_poly.pdbx_strand_id   A,B,C,D
#
# COMPACT_ATOMS: atom_id res chain seq x y z
N SER A 17 -11.05 19.51 -10.02
CA SER A 17 -12.49 19.56 -9.60
C SER A 17 -13.17 18.20 -9.75
N PRO A 18 -13.21 17.41 -8.66
CA PRO A 18 -13.83 16.13 -8.87
C PRO A 18 -15.32 16.22 -9.10
N ILE A 19 -15.83 15.28 -9.87
CA ILE A 19 -17.24 15.08 -10.01
C ILE A 19 -17.74 14.61 -8.66
N PRO A 20 -18.82 15.21 -8.16
CA PRO A 20 -19.21 14.89 -6.79
C PRO A 20 -19.71 13.45 -6.61
N PRO A 21 -19.62 12.98 -5.37
CA PRO A 21 -20.03 11.59 -5.12
C PRO A 21 -21.52 11.40 -5.10
N ASN A 22 -21.96 10.19 -5.45
CA ASN A 22 -23.38 9.82 -5.30
C ASN A 22 -23.61 8.75 -4.24
N GLN A 23 -22.54 8.10 -3.78
CA GLN A 23 -22.66 7.07 -2.71
C GLN A 23 -21.70 7.40 -1.60
N ILE A 24 -22.25 7.82 -0.45
CA ILE A 24 -21.44 8.43 0.59
C ILE A 24 -21.38 7.53 1.80
N PHE A 25 -20.18 7.37 2.35
CA PHE A 25 -19.95 6.51 3.54
C PHE A 25 -19.31 7.35 4.61
N ILE A 26 -19.84 7.23 5.83
CA ILE A 26 -19.31 7.99 6.95
C ILE A 26 -18.34 7.07 7.71
N LEU A 27 -17.14 7.56 7.99
CA LEU A 27 -16.14 6.68 8.64
C LEU A 27 -15.92 7.29 10.01
N SER A 28 -16.18 6.52 11.08
CA SER A 28 -16.00 7.12 12.39
C SER A 28 -15.58 6.11 13.42
N GLY A 29 -15.25 6.65 14.61
CA GLY A 29 -14.80 5.81 15.73
C GLY A 29 -13.50 6.36 16.28
N GLN A 30 -12.60 5.48 16.72
CA GLN A 30 -11.32 5.97 17.27
C GLN A 30 -10.14 5.61 16.36
C SEB A 31 -7.61 4.32 15.06
N SEB A 31 -8.94 5.38 16.91
CI2 SEB A 31 -6.11 1.85 23.64
CH2 SEB A 31 -6.02 2.14 22.29
CJ SEB A 31 -6.47 2.86 24.54
CI1 SEB A 31 -6.74 4.12 23.99
CH1 SEB A 31 -6.62 4.40 22.65
CZ SEB A 31 -6.28 3.41 21.75
CE SEB A 31 -6.08 3.58 20.16
OD2 SEB A 31 -7.94 5.45 19.48
OD1 SEB A 31 -5.52 6.21 19.60
SD SEB A 31 -6.48 5.04 19.28
OG SEB A 31 -6.34 4.61 17.77
CB SEB A 31 -6.51 5.66 16.88
CA SEB A 31 -7.76 5.45 16.04
O SEB A 31 -6.90 4.49 14.06
N ASN A 32 -8.28 3.16 15.28
CA ASN A 32 -8.22 2.11 14.23
C ASN A 32 -9.16 2.36 13.03
N MET A 33 -10.11 3.28 13.17
CA MET A 33 -10.73 3.87 12.00
C MET A 33 -9.95 5.04 11.43
N ALA A 34 -9.45 5.91 12.30
CA ALA A 34 -8.66 7.08 11.83
C ALA A 34 -7.48 6.59 11.01
N GLY A 35 -6.89 5.48 11.45
CA GLY A 35 -5.80 4.81 10.72
C GLY A 35 -4.47 5.03 11.36
N ARG A 36 -3.80 3.93 11.73
CA ARG A 36 -2.39 3.99 12.21
C ARG A 36 -1.53 2.98 11.45
N GLY A 37 -2.08 2.33 10.38
CA GLY A 37 -1.23 1.38 9.65
C GLY A 37 0.03 2.11 9.12
N GLY A 38 1.19 1.52 9.38
CA GLY A 38 2.45 2.02 8.78
C GLY A 38 3.05 3.17 9.52
N VAL A 39 2.45 3.52 10.68
CA VAL A 39 3.03 4.64 11.45
C VAL A 39 4.09 4.06 12.37
N PHE A 40 5.32 4.58 12.27
CA PHE A 40 6.45 3.99 13.02
C PHE A 40 7.22 5.15 13.69
N LYS A 41 7.85 4.90 14.82
CA LYS A 41 8.67 5.90 15.48
C LYS A 41 10.05 5.85 14.85
N ASP A 42 10.49 6.97 14.26
CA ASP A 42 11.78 7.07 13.60
C ASP A 42 12.88 6.86 14.64
N HIS A 43 13.79 5.93 14.40
CA HIS A 43 14.78 5.59 15.42
C HIS A 43 15.85 6.67 15.57
N HIS A 44 16.07 7.45 14.51
CA HIS A 44 17.01 8.62 14.45
C HIS A 44 16.55 9.79 15.30
N ASN A 45 15.21 10.03 15.34
CA ASN A 45 14.75 11.23 16.03
C ASN A 45 13.51 11.14 16.83
N ASN A 46 12.94 9.93 16.97
CA ASN A 46 11.77 9.73 17.84
C ASN A 46 10.45 10.29 17.31
N ARG A 47 10.47 10.84 16.09
CA ARG A 47 9.22 11.33 15.49
C ARG A 47 8.37 10.20 14.89
N TRP A 48 7.05 10.21 15.13
CA TRP A 48 6.16 9.27 14.50
C TRP A 48 5.90 9.72 13.07
N VAL A 49 6.07 8.78 12.14
CA VAL A 49 5.94 9.06 10.70
C VAL A 49 5.20 7.92 10.00
N TRP A 50 4.32 8.27 9.08
CA TRP A 50 3.70 7.19 8.27
C TRP A 50 4.72 6.75 7.21
N ASP A 51 4.97 5.43 7.14
CA ASP A 51 5.90 4.87 6.16
C ASP A 51 5.49 5.01 4.70
N LYS A 52 4.28 5.48 4.44
CA LYS A 52 3.80 5.79 3.06
C LYS A 52 3.69 4.52 2.20
N ILE A 53 3.75 3.36 2.82
CA ILE A 53 3.51 2.10 2.06
C ILE A 53 2.02 1.95 1.79
N LEU A 54 1.65 1.92 0.50
CA LEU A 54 0.25 1.91 0.10
C LEU A 54 -0.05 0.64 -0.71
N PRO A 55 -0.82 -0.30 -0.12
CA PRO A 55 -1.20 -1.50 -0.88
C PRO A 55 -2.03 -1.11 -2.10
N PRO A 56 -1.95 -1.90 -3.17
CA PRO A 56 -2.77 -1.54 -4.35
C PRO A 56 -4.26 -1.54 -4.02
N GLU A 57 -4.70 -2.29 -3.00
CA GLU A 57 -6.10 -2.23 -2.57
C GLU A 57 -6.56 -0.85 -2.08
N CYS A 58 -5.58 -0.01 -1.75
CA CYS A 58 -5.80 1.32 -1.21
C CYS A 58 -5.51 2.40 -2.23
N ALA A 59 -5.32 2.04 -3.51
CA ALA A 59 -4.90 3.01 -4.53
C ALA A 59 -5.96 4.07 -4.80
N PRO A 60 -5.56 5.31 -5.05
CA PRO A 60 -6.57 6.32 -5.28
C PRO A 60 -7.24 6.15 -6.67
N ASN A 61 -8.37 6.84 -6.84
CA ASN A 61 -9.17 6.71 -8.05
C ASN A 61 -9.92 8.04 -8.18
N SER A 62 -10.07 8.55 -9.41
CA SER A 62 -10.80 9.81 -9.56
C SER A 62 -12.28 9.67 -9.16
N SER A 63 -12.79 8.45 -9.02
CA SER A 63 -14.17 8.20 -8.62
C SER A 63 -14.27 7.83 -7.12
N ILE A 64 -13.20 8.08 -6.36
CA ILE A 64 -13.25 7.90 -4.90
C ILE A 64 -12.77 9.17 -4.24
N LEU A 65 -13.69 9.84 -3.53
CA LEU A 65 -13.43 11.17 -3.00
C LEU A 65 -13.47 11.20 -1.48
N ARG A 66 -12.90 12.26 -0.92
CA ARG A 66 -12.90 12.46 0.56
C ARG A 66 -13.41 13.84 0.85
N LEU A 67 -14.25 13.97 1.87
CA LEU A 67 -14.65 15.34 2.29
C LEU A 67 -13.59 15.88 3.25
N SER A 68 -12.92 16.95 2.83
CA SER A 68 -11.87 17.54 3.67
C SER A 68 -12.42 18.19 4.93
N ALA A 69 -11.53 18.55 5.85
CA ALA A 69 -11.98 19.32 7.04
C ALA A 69 -12.63 20.65 6.65
N ASP A 70 -12.18 21.28 5.56
CA ASP A 70 -12.75 22.54 5.06
C ASP A 70 -13.98 22.30 4.15
N LEU A 71 -14.48 21.06 4.13
CA LEU A 71 -15.78 20.68 3.52
C LEU A 71 -15.76 20.76 1.99
N ARG A 72 -14.60 20.44 1.40
CA ARG A 72 -14.48 20.34 -0.06
C ARG A 72 -14.29 18.88 -0.40
N TRP A 73 -14.91 18.45 -1.47
CA TRP A 73 -14.62 17.11 -1.96
C TRP A 73 -13.31 17.12 -2.73
N GLU A 74 -12.49 16.12 -2.42
CA GLU A 74 -11.19 16.00 -3.12
C GLU A 74 -10.95 14.53 -3.42
N GLU A 75 -10.09 14.26 -4.39
CA GLU A 75 -9.73 12.85 -4.63
C GLU A 75 -9.17 12.31 -3.33
N ALA A 76 -9.62 11.11 -2.96
CA ALA A 76 -9.26 10.51 -1.65
C ALA A 76 -7.86 9.87 -1.72
N HIS A 77 -7.06 10.10 -0.67
CA HIS A 77 -5.75 9.43 -0.50
C HIS A 77 -5.56 9.11 0.95
N GLU A 78 -4.98 7.97 1.26
CA GLU A 78 -4.55 7.73 2.66
C GLU A 78 -3.39 8.71 2.95
N PRO A 79 -3.25 9.14 4.20
CA PRO A 79 -4.15 8.83 5.32
C PRO A 79 -5.40 9.71 5.21
N LEU A 80 -6.59 9.09 5.36
CA LEU A 80 -7.82 9.85 5.16
C LEU A 80 -8.15 10.80 6.30
N HIS A 81 -7.56 10.61 7.49
CA HIS A 81 -7.95 11.44 8.63
C HIS A 81 -6.88 12.50 9.01
N VAL A 82 -5.97 12.83 8.10
CA VAL A 82 -4.92 13.78 8.51
C VAL A 82 -5.44 15.15 9.08
N ASP A 83 -6.42 15.73 8.40
CA ASP A 83 -7.00 17.01 8.80
C ASP A 83 -8.23 16.87 9.72
N ILE A 84 -8.47 15.64 10.20
CA ILE A 84 -9.67 15.32 11.01
C ILE A 84 -9.26 14.82 12.40
N ASP A 85 -8.39 13.81 12.42
CA ASP A 85 -7.87 13.32 13.72
C ASP A 85 -6.66 14.19 14.01
N THR A 86 -6.91 15.46 14.31
CA THR A 86 -5.80 16.42 14.37
C THR A 86 -4.97 16.20 15.64
N GLY A 87 -3.69 16.59 15.55
CA GLY A 87 -2.78 16.37 16.68
C GLY A 87 -2.26 14.95 16.86
N LYS A 88 -2.58 14.08 15.92
CA LYS A 88 -2.14 12.66 15.94
C LYS A 88 -1.58 12.31 14.58
N VAL A 89 -0.49 11.53 14.52
CA VAL A 89 0.05 11.15 13.22
C VAL A 89 -0.74 9.96 12.66
N CYS A 90 -1.32 10.18 11.48
CA CYS A 90 -2.23 9.20 10.91
C CYS A 90 -1.50 8.35 9.88
N GLY A 91 -1.98 7.11 9.75
CA GLY A 91 -1.55 6.19 8.70
C GLY A 91 -2.79 5.58 8.02
N VAL A 92 -2.62 4.36 7.56
CA VAL A 92 -3.65 3.71 6.78
C VAL A 92 -4.74 3.19 7.68
N GLY A 93 -6.00 3.45 7.30
CA GLY A 93 -7.16 2.87 7.94
C GLY A 93 -7.85 1.98 6.89
N PRO A 94 -9.10 1.58 7.20
CA PRO A 94 -9.80 0.65 6.30
C PRO A 94 -10.55 1.28 5.12
N GLY A 95 -10.56 2.62 5.06
CA GLY A 95 -11.43 3.33 4.16
C GLY A 95 -11.15 3.18 2.68
N MET A 96 -9.88 3.31 2.28
CA MET A 96 -9.62 3.17 0.84
C MET A 96 -9.83 1.73 0.32
N ALA A 97 -9.44 0.76 1.15
CA ALA A 97 -9.62 -0.63 0.75
C ALA A 97 -11.12 -0.90 0.63
N PHE A 98 -11.90 -0.37 1.56
CA PHE A 98 -13.35 -0.52 1.51
C PHE A 98 -13.87 0.12 0.19
N ALA A 99 -13.44 1.34 -0.04
CA ALA A 99 -13.99 2.06 -1.20
C ALA A 99 -13.63 1.43 -2.50
N ASN A 100 -12.38 1.00 -2.67
CA ASN A 100 -12.04 0.35 -3.93
C ASN A 100 -12.82 -0.96 -4.14
N ALA A 101 -12.98 -1.72 -3.05
CA ALA A 101 -13.70 -2.97 -3.17
C ALA A 101 -15.15 -2.73 -3.59
N VAL A 102 -15.82 -1.76 -2.96
CA VAL A 102 -17.20 -1.46 -3.33
C VAL A 102 -17.27 -0.95 -4.76
N LYS A 103 -16.41 0.03 -5.11
CA LYS A 103 -16.43 0.60 -6.48
C LYS A 103 -16.25 -0.52 -7.52
N ASN A 104 -15.27 -1.40 -7.27
CA ASN A 104 -15.02 -2.46 -8.23
C ASN A 104 -16.20 -3.44 -8.35
N ARG A 105 -16.80 -3.84 -7.21
CA ARG A 105 -17.92 -4.84 -7.27
C ARG A 105 -19.15 -4.20 -7.88
N LEU A 106 -19.32 -2.88 -7.74
CA LEU A 106 -20.51 -2.26 -8.35
C LEU A 106 -20.51 -2.32 -9.88
N GLU A 107 -19.34 -2.27 -10.51
CA GLU A 107 -19.20 -2.35 -11.98
C GLU A 107 -20.10 -1.36 -12.67
N THR A 108 -20.12 -0.13 -12.15
CA THR A 108 -20.99 0.89 -12.73
C THR A 108 -20.18 2.15 -12.90
N ASP A 109 -20.08 2.61 -14.15
CA ASP A 109 -19.24 3.75 -14.44
C ASP A 109 -19.74 5.00 -13.68
N SER A 110 -21.04 5.06 -13.42
CA SER A 110 -21.62 6.25 -12.83
C SER A 110 -21.41 6.38 -11.32
N ALA A 111 -21.04 5.27 -10.67
CA ALA A 111 -20.92 5.27 -9.20
C ALA A 111 -19.69 6.07 -8.75
N VAL A 112 -19.87 7.06 -7.89
CA VAL A 112 -18.74 7.86 -7.39
C VAL A 112 -18.85 7.79 -5.87
N ILE A 113 -17.82 7.27 -5.24
CA ILE A 113 -17.82 7.02 -3.80
C ILE A 113 -17.33 8.26 -3.08
N GLY A 114 -18.01 8.67 -2.00
CA GLY A 114 -17.51 9.78 -1.16
C GLY A 114 -17.28 9.25 0.24
N LEU A 115 -16.11 9.50 0.82
CA LEU A 115 -15.81 9.11 2.20
C LEU A 115 -15.79 10.35 3.08
N VAL A 116 -16.41 10.25 4.25
CA VAL A 116 -16.51 11.37 5.18
C VAL A 116 -15.81 10.96 6.46
N PRO A 117 -14.49 11.23 6.54
CA PRO A 117 -13.78 10.81 7.75
C PRO A 117 -14.20 11.66 8.93
N CYS A 118 -14.49 11.02 10.06
CA CYS A 118 -14.92 11.71 11.30
C CYS A 118 -14.22 11.18 12.57
N ALA A 119 -13.39 10.14 12.42
CA ALA A 119 -12.85 9.47 13.63
C ALA A 119 -11.91 10.34 14.46
N SER A 120 -11.71 9.96 15.73
CA SER A 120 -10.87 10.76 16.61
C SER A 120 -10.15 9.80 17.54
N GLY A 121 -8.82 9.83 17.53
CA GLY A 121 -8.08 8.84 18.32
C GLY A 121 -8.25 9.03 19.81
N GLY A 122 -8.20 7.88 20.50
CA GLY A 122 -8.15 7.92 21.99
C GLY A 122 -9.49 8.20 22.68
N THR A 123 -10.59 8.05 21.94
CA THR A 123 -11.89 8.46 22.44
C THR A 123 -12.73 7.28 22.88
N ALA A 124 -13.29 7.42 24.08
CA ALA A 124 -14.23 6.43 24.57
C ALA A 124 -15.62 6.81 24.09
N ILE A 125 -16.59 5.88 24.17
CA ILE A 125 -17.89 6.19 23.56
C ILE A 125 -18.66 7.30 24.26
N LYS A 126 -18.37 7.56 25.54
CA LYS A 126 -18.98 8.71 26.20
C LYS A 126 -18.68 10.02 25.46
N GLU A 127 -17.58 10.08 24.70
CA GLU A 127 -17.22 11.29 23.99
C GLU A 127 -18.02 11.42 22.70
N TRP A 128 -18.94 10.48 22.46
CA TRP A 128 -19.75 10.46 21.25
C TRP A 128 -21.25 10.55 21.56
N GLU A 129 -21.57 10.96 22.79
CA GLU A 129 -22.99 11.19 23.10
C GLU A 129 -23.57 12.27 22.23
N ARG A 130 -24.87 12.18 21.99
CA ARG A 130 -25.52 13.27 21.22
C ARG A 130 -25.29 14.59 21.95
N GLY A 131 -24.98 15.67 21.22
CA GLY A 131 -24.61 16.94 21.78
C GLY A 131 -23.10 17.18 22.00
N SER A 132 -22.29 16.10 22.00
CA SER A 132 -20.88 16.26 22.27
C SER A 132 -20.20 16.85 21.04
N HIS A 133 -19.02 17.42 21.23
CA HIS A 133 -18.22 17.92 20.10
C HIS A 133 -18.05 16.91 18.98
N LEU A 134 -17.61 15.69 19.32
CA LEU A 134 -17.29 14.72 18.25
C LEU A 134 -18.57 14.24 17.57
N TYR A 135 -19.65 14.07 18.33
CA TYR A 135 -20.86 13.58 17.71
C TYR A 135 -21.41 14.66 16.77
N GLU A 136 -21.47 15.88 17.27
CA GLU A 136 -21.97 16.98 16.45
C GLU A 136 -21.09 17.23 15.23
N ARG A 137 -19.77 17.03 15.35
CA ARG A 137 -18.90 17.12 14.17
C ARG A 137 -19.26 16.05 13.14
N MET A 138 -19.51 14.83 13.61
CA MET A 138 -19.87 13.74 12.72
C MET A 138 -21.19 14.06 11.99
N VAL A 139 -22.18 14.55 12.73
CA VAL A 139 -23.49 14.86 12.13
C VAL A 139 -23.38 16.02 11.17
N LYS A 140 -22.67 17.09 11.56
CA LYS A 140 -22.49 18.26 10.68
C LYS A 140 -21.76 17.84 9.39
N ARG A 141 -20.69 17.08 9.50
CA ARG A 141 -19.94 16.68 8.27
C ARG A 141 -20.80 15.78 7.38
N THR A 142 -21.63 14.96 8.00
CA THR A 142 -22.53 14.11 7.23
C THR A 142 -23.58 14.94 6.53
N GLU A 143 -24.17 15.91 7.24
CA GLU A 143 -25.09 16.81 6.55
C GLU A 143 -24.43 17.60 5.42
N GLU A 144 -23.23 18.11 5.66
CA GLU A 144 -22.51 18.84 4.57
C GLU A 144 -22.28 17.96 3.36
N SER A 145 -21.94 16.70 3.61
CA SER A 145 -21.63 15.76 2.52
C SER A 145 -22.84 15.52 1.62
N ARG A 146 -24.05 15.69 2.15
CA ARG A 146 -25.27 15.49 1.34
C ARG A 146 -25.62 16.64 0.39
N LYS A 147 -24.98 17.79 0.56
CA LYS A 147 -25.37 18.96 -0.24
C LYS A 147 -25.12 18.77 -1.72
N CYS A 148 -24.17 17.91 -2.04
CA CYS A 148 -23.88 17.60 -3.47
C CYS A 148 -24.93 16.71 -4.11
N GLY A 149 -25.88 16.21 -3.33
CA GLY A 149 -27.00 15.39 -3.81
C GLY A 149 -26.78 13.89 -3.59
N GLY A 150 -25.59 13.55 -3.12
CA GLY A 150 -25.25 12.14 -2.87
C GLY A 150 -26.04 11.53 -1.73
N GLU A 151 -26.19 10.21 -1.74
CA GLU A 151 -26.95 9.54 -0.69
C GLU A 151 -26.04 8.91 0.31
N ILE A 152 -26.42 8.98 1.61
CA ILE A 152 -25.63 8.34 2.65
C ILE A 152 -25.96 6.85 2.62
N LYS A 153 -24.98 6.03 2.30
CA LYS A 153 -25.23 4.60 2.13
C LYS A 153 -24.99 3.80 3.41
N ALA A 154 -24.02 4.21 4.22
CA ALA A 154 -23.74 3.49 5.49
C ALA A 154 -22.83 4.29 6.34
N VAL A 155 -22.82 3.91 7.62
CA VAL A 155 -21.82 4.44 8.55
C VAL A 155 -20.93 3.23 8.90
N LEU A 156 -19.61 3.40 8.80
CA LEU A 156 -18.63 2.39 9.23
C LEU A 156 -18.06 2.87 10.53
N TRP A 157 -18.13 2.04 11.57
CA TRP A 157 -17.77 2.50 12.92
C TRP A 157 -16.80 1.50 13.50
N TYR A 158 -15.64 1.98 13.96
CA TYR A 158 -14.69 1.06 14.65
C TYR A 158 -14.19 1.79 15.86
N GLN A 159 -14.67 1.35 17.03
CA GLN A 159 -14.34 2.08 18.24
C GLN A 159 -14.54 1.11 19.41
N GLY A 160 -13.88 1.42 20.54
CA GLY A 160 -14.17 0.66 21.76
C GLY A 160 -12.92 0.32 22.52
N GLU A 161 -11.74 0.49 21.93
CA GLU A 161 -10.53 0.18 22.68
C GLU A 161 -10.40 1.06 23.92
N SER A 162 -11.00 2.24 23.90
CA SER A 162 -10.94 3.10 25.09
C SER A 162 -11.98 2.75 26.15
N ASP A 163 -12.91 1.87 25.82
CA ASP A 163 -13.95 1.49 26.77
C ASP A 163 -13.63 0.21 27.55
N VAL A 164 -12.46 -0.37 27.32
CA VAL A 164 -12.10 -1.62 28.01
C VAL A 164 -11.40 -1.37 29.32
N LEU A 165 -11.05 -0.12 29.62
CA LEU A 165 -10.19 0.16 30.74
C LEU A 165 -10.90 0.23 32.08
N ASP A 166 -12.20 0.51 32.04
CA ASP A 166 -13.01 0.66 33.23
C ASP A 166 -14.23 -0.25 33.07
N ILE A 167 -14.46 -1.11 34.08
CA ILE A 167 -15.57 -2.10 33.96
C ILE A 167 -16.91 -1.39 33.78
N HIS A 168 -17.08 -0.19 34.33
CA HIS A 168 -18.37 0.52 34.16
C HIS A 168 -18.60 0.88 32.70
N ASP A 169 -17.51 1.28 32.04
CA ASP A 169 -17.62 1.57 30.62
C ASP A 169 -17.86 0.32 29.79
N ALA A 170 -17.13 -0.77 30.09
CA ALA A 170 -17.27 -1.99 29.30
C ALA A 170 -18.70 -2.55 29.47
N GLU A 171 -19.23 -2.50 30.70
CA GLU A 171 -20.56 -3.06 30.97
C GLU A 171 -21.71 -2.22 30.41
N SER A 172 -21.43 -0.96 30.11
CA SER A 172 -22.47 -0.11 29.50
C SER A 172 -22.35 -0.01 28.00
N TYR A 173 -21.30 -0.60 27.44
CA TYR A 173 -20.97 -0.35 26.00
C TYR A 173 -22.12 -0.64 25.07
N GLY A 174 -22.78 -1.79 25.26
CA GLY A 174 -23.91 -2.17 24.36
C GLY A 174 -25.05 -1.17 24.41
N ASN A 175 -25.44 -0.76 25.61
CA ASN A 175 -26.47 0.31 25.75
C ASN A 175 -26.06 1.62 25.10
N ASN A 176 -24.79 2.01 25.28
CA ASN A 176 -24.28 3.25 24.65
C ASN A 176 -24.26 3.17 23.14
N MET A 177 -23.83 2.02 22.61
CA MET A 177 -23.80 1.85 21.14
C MET A 177 -25.25 1.86 20.56
N ASP A 178 -26.19 1.21 21.24
CA ASP A 178 -27.60 1.24 20.81
C ASP A 178 -28.05 2.69 20.73
N ARG A 179 -27.71 3.50 21.74
CA ARG A 179 -28.15 4.91 21.78
C ARG A 179 -27.49 5.72 20.68
N LEU A 180 -26.20 5.45 20.46
CA LEU A 180 -25.49 6.18 19.38
C LEU A 180 -26.16 5.95 18.03
N ILE A 181 -26.52 4.69 17.75
CA ILE A 181 -27.16 4.36 16.46
C ILE A 181 -28.54 4.99 16.35
N LYS A 182 -29.28 4.92 17.45
CA LYS A 182 -30.63 5.56 17.48
C LYS A 182 -30.50 7.08 17.24
N ASN A 183 -29.52 7.70 17.87
CA ASN A 183 -29.29 9.14 17.74
C ASN A 183 -28.95 9.52 16.32
N LEU A 184 -28.01 8.78 15.73
CA LEU A 184 -27.58 9.14 14.36
C LEU A 184 -28.73 9.02 13.38
N ARG A 185 -29.45 7.90 13.47
CA ARG A 185 -30.58 7.70 12.57
C ARG A 185 -31.61 8.79 12.74
N HIS A 186 -31.83 9.20 14.00
CA HIS A 186 -32.78 10.27 14.21
C HIS A 186 -32.28 11.63 13.63
N ASP A 187 -31.05 12.02 13.99
CA ASP A 187 -30.56 13.34 13.60
C ASP A 187 -30.37 13.51 12.14
N LEU A 188 -30.07 12.40 11.45
CA LEU A 188 -29.96 12.44 9.99
C LEU A 188 -31.26 12.12 9.29
N ASN A 189 -32.32 11.82 10.05
CA ASN A 189 -33.60 11.43 9.46
C ASN A 189 -33.42 10.35 8.43
N LEU A 190 -32.70 9.30 8.85
CA LEU A 190 -32.51 8.09 8.06
C LEU A 190 -32.77 6.89 8.96
N PRO A 191 -34.06 6.56 9.15
CA PRO A 191 -34.39 5.51 10.16
C PRO A 191 -33.84 4.14 9.87
N SER A 192 -33.48 3.86 8.60
CA SER A 192 -32.92 2.54 8.27
C SER A 192 -31.45 2.62 7.87
N LEU A 193 -30.78 3.72 8.18
CA LEU A 193 -29.36 3.93 7.76
C LEU A 193 -28.50 2.73 8.20
N PRO A 194 -27.91 2.00 7.26
CA PRO A 194 -27.04 0.88 7.65
C PRO A 194 -25.85 1.30 8.54
N ILE A 195 -25.56 0.51 9.58
CA ILE A 195 -24.40 0.77 10.42
C ILE A 195 -23.60 -0.51 10.38
N ILE A 196 -22.29 -0.39 10.08
CA ILE A 196 -21.45 -1.59 10.14
C ILE A 196 -20.39 -1.28 11.17
N GLN A 197 -20.40 -2.03 12.29
CA GLN A 197 -19.43 -1.77 13.39
C GLN A 197 -18.43 -2.90 13.42
N VAL A 198 -17.34 -2.70 14.17
CA VAL A 198 -16.25 -3.64 14.18
C VAL A 198 -16.01 -4.14 15.63
N ALA A 199 -16.03 -5.46 15.81
CA ALA A 199 -15.71 -5.98 17.19
C ALA A 199 -14.21 -5.85 17.34
N ILE A 200 -13.84 -5.14 18.40
CA ILE A 200 -12.43 -4.73 18.53
C ILE A 200 -11.43 -5.91 18.62
N ALA A 201 -10.21 -5.66 18.12
CA ALA A 201 -9.15 -6.70 18.05
C ALA A 201 -8.17 -6.65 19.25
N SER A 202 -8.22 -5.53 19.96
CA SER A 202 -7.16 -5.18 20.85
C SER A 202 -7.64 -4.24 21.93
N GLY A 203 -6.79 -4.11 22.96
CA GLY A 203 -7.06 -3.12 24.01
C GLY A 203 -6.80 -3.63 25.40
N GLY A 204 -6.83 -4.94 25.57
CA GLY A 204 -6.64 -5.52 26.89
C GLY A 204 -7.84 -5.24 27.79
N GLY A 205 -7.58 -5.28 29.10
CA GLY A 205 -8.65 -4.93 30.01
C GLY A 205 -9.90 -5.76 29.74
N TYR A 206 -11.06 -5.09 29.73
CA TYR A 206 -12.34 -5.76 29.59
C TYR A 206 -12.73 -5.87 28.12
N ILE A 207 -11.74 -6.19 27.29
CA ILE A 207 -12.03 -6.41 25.87
C ILE A 207 -13.14 -7.40 25.60
N ASP A 208 -13.17 -8.49 26.36
CA ASP A 208 -14.20 -9.47 26.04
C ASP A 208 -15.63 -8.93 26.27
N LYS A 209 -15.83 -8.12 27.30
CA LYS A 209 -17.17 -7.52 27.55
C LYS A 209 -17.53 -6.58 26.40
N VAL A 210 -16.56 -5.78 25.93
CA VAL A 210 -16.86 -4.86 24.82
C VAL A 210 -17.17 -5.64 23.54
N ARG A 211 -16.36 -6.65 23.27
CA ARG A 211 -16.61 -7.47 22.06
C ARG A 211 -17.98 -8.16 22.15
N GLU A 212 -18.32 -8.67 23.33
CA GLU A 212 -19.61 -9.36 23.51
C GLU A 212 -20.74 -8.40 23.18
N ALA A 213 -20.60 -7.15 23.62
CA ALA A 213 -21.63 -6.14 23.35
C ALA A 213 -21.74 -5.87 21.88
N GLN A 214 -20.58 -5.74 21.20
CA GLN A 214 -20.58 -5.41 19.77
C GLN A 214 -21.20 -6.58 18.98
N LEU A 215 -20.72 -7.80 19.25
CA LEU A 215 -21.14 -8.97 18.48
C LEU A 215 -22.54 -9.34 18.83
N GLY A 216 -22.98 -8.99 20.05
CA GLY A 216 -24.34 -9.39 20.50
C GLY A 216 -25.43 -8.37 20.17
N LEU A 217 -25.08 -7.17 19.72
CA LEU A 217 -26.12 -6.16 19.41
C LEU A 217 -26.98 -6.65 18.25
N LYS A 218 -28.29 -6.66 18.45
CA LYS A 218 -29.22 -7.08 17.43
C LYS A 218 -30.18 -5.94 17.13
N LEU A 219 -29.96 -5.28 15.99
CA LEU A 219 -30.77 -4.11 15.59
C LEU A 219 -30.92 -4.21 14.08
N SER A 220 -32.07 -3.77 13.57
CA SER A 220 -32.31 -3.73 12.15
C SER A 220 -31.21 -2.96 11.46
N ASN A 221 -30.76 -3.51 10.34
CA ASN A 221 -29.71 -2.84 9.51
C ASN A 221 -28.48 -2.45 10.25
N VAL A 222 -28.12 -3.22 11.31
CA VAL A 222 -26.79 -3.09 11.95
C VAL A 222 -26.07 -4.43 11.87
N VAL A 223 -24.84 -4.39 11.35
CA VAL A 223 -24.04 -5.62 11.25
C VAL A 223 -22.70 -5.37 11.90
N CYS A 224 -22.10 -6.43 12.44
CA CYS A 224 -20.80 -6.32 13.10
C CYS A 224 -19.83 -7.25 12.39
N VAL A 225 -18.72 -6.70 11.92
CA VAL A 225 -17.62 -7.50 11.39
C VAL A 225 -16.62 -7.67 12.53
N ASP A 226 -15.88 -8.77 12.55
CA ASP A 226 -14.98 -9.03 13.68
C ASP A 226 -13.51 -8.78 13.30
N ALA A 227 -12.80 -7.90 14.00
CA ALA A 227 -11.39 -7.67 13.68
C ALA A 227 -10.46 -8.62 14.48
N LYS A 228 -11.00 -9.49 15.32
CA LYS A 228 -10.14 -10.38 16.12
C LYS A 228 -9.23 -11.17 15.21
N GLY A 229 -7.96 -11.22 15.56
CA GLY A 229 -6.99 -12.03 14.82
C GLY A 229 -6.25 -11.28 13.74
N LEU A 230 -6.70 -10.08 13.41
CA LEU A 230 -6.00 -9.29 12.40
C LEU A 230 -4.63 -8.86 12.95
N PRO A 231 -3.61 -8.75 12.09
CA PRO A 231 -2.31 -8.40 12.62
C PRO A 231 -2.23 -7.03 13.27
N LEU A 232 -1.53 -7.01 14.42
CA LEU A 232 -1.35 -5.82 15.24
C LEU A 232 0.09 -5.36 15.12
N LYS A 233 0.20 -4.04 15.24
CA LYS A 233 1.50 -3.34 15.25
C LYS A 233 2.30 -3.69 16.52
N SER A 234 3.54 -3.20 16.62
CA SER A 234 4.40 -3.57 17.74
C SER A 234 3.84 -3.06 19.08
N ASP A 235 2.95 -2.09 19.05
CA ASP A 235 2.30 -1.64 20.29
C ASP A 235 1.19 -2.56 20.79
N ASN A 236 0.90 -3.65 20.04
CA ASN A 236 -0.17 -4.59 20.39
C ASN A 236 -1.54 -3.94 20.53
N LEU A 237 -1.74 -2.84 19.84
CA LEU A 237 -2.97 -2.08 19.98
C LEU A 237 -3.56 -1.66 18.64
N HIS A 238 -2.73 -1.31 17.66
CA HIS A 238 -3.31 -0.82 16.41
C HIS A 238 -3.08 -1.79 15.26
N LEU A 239 -4.05 -1.83 14.35
CA LEU A 239 -3.92 -2.70 13.18
C LEU A 239 -2.79 -2.21 12.26
N THR A 240 -2.10 -3.18 11.69
CA THR A 240 -1.09 -2.87 10.66
C THR A 240 -1.80 -2.50 9.37
N THR A 241 -1.02 -1.98 8.42
CA THR A 241 -1.60 -1.61 7.12
C THR A 241 -2.18 -2.85 6.44
N GLU A 242 -1.47 -3.99 6.50
CA GLU A 242 -2.05 -5.17 5.84
C GLU A 242 -3.32 -5.64 6.55
N ALA A 243 -3.40 -5.50 7.88
CA ALA A 243 -4.67 -5.78 8.60
C ALA A 243 -5.78 -4.87 8.13
N GLN A 244 -5.43 -3.60 7.88
CA GLN A 244 -6.45 -2.61 7.49
C GLN A 244 -6.99 -2.91 6.11
N VAL A 245 -6.15 -3.43 5.22
CA VAL A 245 -6.65 -3.87 3.92
C VAL A 245 -7.66 -5.00 4.17
N GLN A 246 -7.27 -6.00 4.97
CA GLN A 246 -8.21 -7.09 5.28
C GLN A 246 -9.51 -6.59 5.88
N LEU A 247 -9.42 -5.65 6.83
CA LEU A 247 -10.62 -5.14 7.46
C LEU A 247 -11.45 -4.37 6.45
N GLY A 248 -10.83 -3.53 5.63
CA GLY A 248 -11.65 -2.76 4.63
C GLY A 248 -12.37 -3.68 3.67
N LEU A 249 -11.67 -4.74 3.26
CA LEU A 249 -12.31 -5.75 2.39
C LEU A 249 -13.49 -6.41 3.12
N SER A 250 -13.29 -6.75 4.40
CA SER A 250 -14.40 -7.35 5.18
C SER A 250 -15.59 -6.41 5.37
N LEU A 251 -15.32 -5.13 5.61
CA LEU A 251 -16.36 -4.15 5.71
C LEU A 251 -17.09 -4.02 4.34
N ALA A 252 -16.33 -4.02 3.23
CA ALA A 252 -17.01 -3.97 1.92
C ALA A 252 -17.87 -5.21 1.68
N GLN A 253 -17.34 -6.39 2.03
CA GLN A 253 -18.12 -7.62 1.89
C GLN A 253 -19.41 -7.50 2.70
N ALA A 254 -19.33 -7.03 3.95
CA ALA A 254 -20.57 -6.91 4.74
C ALA A 254 -21.54 -5.90 4.11
N TYR A 255 -21.01 -4.75 3.66
CA TYR A 255 -21.89 -3.76 3.04
C TYR A 255 -22.59 -4.33 1.80
N LEU A 256 -21.80 -4.92 0.92
CA LEU A 256 -22.31 -5.43 -0.35
C LEU A 256 -23.34 -6.57 -0.14
N SER A 257 -23.05 -7.45 0.83
CA SER A 257 -23.91 -8.59 1.02
C SER A 257 -25.19 -8.28 1.76
N ASN A 258 -25.16 -7.29 2.64
CA ASN A 258 -26.35 -7.01 3.45
C ASN A 258 -27.19 -5.89 2.90
N PHE A 259 -26.55 -4.92 2.23
CA PHE A 259 -27.28 -3.66 1.95
C PHE A 259 -27.38 -3.31 0.47
N CYS A 260 -26.92 -4.20 -0.39
CA CYS A 260 -26.94 -3.98 -1.85
C CYS A 260 -27.64 -5.13 -2.58
N PRO B 18 31.30 -1.35 7.72
CA PRO B 18 29.90 -1.75 7.98
C PRO B 18 29.70 -3.23 8.33
N ILE B 19 28.72 -3.49 9.19
CA ILE B 19 28.29 -4.87 9.44
C ILE B 19 27.63 -5.33 8.14
N PRO B 20 28.02 -6.49 7.62
CA PRO B 20 27.51 -6.92 6.31
C PRO B 20 26.02 -7.27 6.30
N PRO B 21 25.42 -7.21 5.13
CA PRO B 21 23.96 -7.42 5.01
C PRO B 21 23.54 -8.85 5.20
N ASN B 22 22.32 -9.03 5.71
CA ASN B 22 21.74 -10.36 5.74
C ASN B 22 20.53 -10.47 4.84
N GLN B 23 20.06 -9.34 4.29
CA GLN B 23 18.96 -9.36 3.35
C GLN B 23 19.34 -8.59 2.11
N ILE B 24 19.61 -9.33 1.05
CA ILE B 24 20.21 -8.77 -0.14
C ILE B 24 19.21 -8.70 -1.28
N PHE B 25 19.20 -7.55 -1.98
CA PHE B 25 18.29 -7.33 -3.12
C PHE B 25 19.11 -6.92 -4.30
N ILE B 26 18.80 -7.54 -5.45
CA ILE B 26 19.48 -7.22 -6.72
C ILE B 26 18.65 -6.22 -7.46
N LEU B 27 19.29 -5.15 -7.92
CA LEU B 27 18.55 -4.07 -8.61
C LEU B 27 19.01 -4.04 -10.05
N SER B 28 18.13 -4.31 -10.99
CA SER B 28 18.60 -4.36 -12.35
C SER B 28 17.57 -3.90 -13.35
N GLY B 29 18.02 -3.78 -14.61
CA GLY B 29 17.17 -3.30 -15.72
C GLY B 29 17.84 -2.17 -16.44
N GLN B 30 17.03 -1.21 -16.92
CA GLN B 30 17.63 -0.05 -17.62
C GLN B 30 17.51 1.23 -16.81
C SEB B 31 16.69 4.03 -15.67
N SEB B 31 17.45 2.38 -17.46
CI2 SEB B 31 14.16 4.03 -24.09
CH2 SEB B 31 14.33 4.42 -22.79
CJ SEB B 31 15.26 3.94 -24.93
CI1 SEB B 31 16.51 4.27 -24.45
CH1 SEB B 31 16.67 4.66 -23.16
CZ SEB B 31 15.60 4.73 -22.30
CE SEB B 31 15.75 5.19 -20.82
OD2 SEB B 31 17.41 3.18 -20.13
OD1 SEB B 31 18.48 5.41 -20.58
SD SEB B 31 17.20 4.69 -20.03
OG SEB B 31 16.94 4.97 -18.50
CB SEB B 31 17.98 4.79 -17.67
CA SEB B 31 17.73 3.63 -16.71
O SEB B 31 17.04 4.87 -14.81
N ASN B 32 15.44 3.54 -15.73
CA ASN B 32 14.53 3.90 -14.62
C ASN B 32 14.78 3.02 -13.40
N MET B 33 15.56 1.95 -13.53
CA MET B 33 16.10 1.33 -12.32
C MET B 33 17.43 1.99 -11.93
N ALA B 34 18.31 2.26 -12.91
CA ALA B 34 19.59 2.92 -12.62
C ALA B 34 19.34 4.24 -11.88
N GLY B 35 18.32 4.94 -12.31
CA GLY B 35 17.86 6.18 -11.64
C GLY B 35 18.19 7.41 -12.44
N ARG B 36 17.14 8.17 -12.79
CA ARG B 36 17.34 9.45 -13.43
C ARG B 36 16.57 10.55 -12.74
N GLY B 37 15.97 10.26 -11.57
CA GLY B 37 15.19 11.30 -10.89
C GLY B 37 16.07 12.46 -10.51
N GLY B 38 15.62 13.68 -10.82
CA GLY B 38 16.37 14.90 -10.48
C GLY B 38 17.53 15.21 -11.40
N VAL B 39 17.73 14.39 -12.46
CA VAL B 39 18.85 14.76 -13.43
C VAL B 39 18.32 15.76 -14.45
N PHE B 40 19.04 16.85 -14.61
CA PHE B 40 18.55 17.85 -15.53
C PHE B 40 19.68 18.47 -16.27
N LYS B 41 19.35 19.17 -17.35
CA LYS B 41 20.40 19.78 -18.15
C LYS B 41 20.57 21.20 -17.70
N ASP B 42 21.77 21.50 -17.21
CA ASP B 42 22.09 22.84 -16.75
C ASP B 42 21.99 23.79 -17.94
N HIS B 43 21.17 24.81 -17.82
CA HIS B 43 20.94 25.74 -18.92
C HIS B 43 22.13 26.69 -19.16
N HIS B 44 23.02 26.83 -18.16
CA HIS B 44 24.28 27.66 -18.25
C HIS B 44 25.28 26.99 -19.18
N ASN B 45 25.36 25.66 -19.09
CA ASN B 45 26.43 24.98 -19.80
C ASN B 45 26.12 23.67 -20.46
N ASN B 46 24.85 23.26 -20.48
CA ASN B 46 24.40 22.04 -21.19
C ASN B 46 24.87 20.76 -20.55
N ARG B 47 25.45 20.88 -19.34
CA ARG B 47 25.81 19.62 -18.64
C ARG B 47 24.66 18.97 -17.87
N TRP B 48 24.53 17.66 -17.97
CA TRP B 48 23.50 16.99 -17.19
C TRP B 48 24.05 16.81 -15.78
N VAL B 49 23.21 17.06 -14.78
CA VAL B 49 23.64 17.05 -13.37
C VAL B 49 22.47 16.56 -12.55
N TRP B 50 22.76 15.80 -11.50
CA TRP B 50 21.73 15.46 -10.51
C TRP B 50 21.50 16.63 -9.55
N ASP B 51 20.22 16.97 -9.33
CA ASP B 51 19.89 18.14 -8.55
C ASP B 51 20.16 17.93 -7.05
N LYS B 52 20.46 16.69 -6.65
CA LYS B 52 20.82 16.33 -5.26
C LYS B 52 19.65 16.42 -4.27
N ILE B 53 18.45 16.59 -4.79
CA ILE B 53 17.25 16.68 -3.92
C ILE B 53 16.91 15.25 -3.46
N LEU B 54 16.99 15.02 -2.14
CA LEU B 54 16.86 13.70 -1.58
C LEU B 54 15.64 13.58 -0.64
N PRO B 55 14.56 12.90 -1.08
CA PRO B 55 13.40 12.76 -0.20
C PRO B 55 13.83 12.04 1.08
N PRO B 56 13.13 12.29 2.19
CA PRO B 56 13.46 11.59 3.44
C PRO B 56 13.22 10.08 3.33
N GLU B 57 12.38 9.67 2.39
CA GLU B 57 12.14 8.23 2.13
C GLU B 57 13.37 7.54 1.59
N CYS B 58 14.33 8.34 1.10
CA CYS B 58 15.59 7.85 0.49
C CYS B 58 16.83 8.05 1.38
N ALA B 59 16.62 8.47 2.64
CA ALA B 59 17.71 8.86 3.54
C ALA B 59 18.62 7.65 3.85
N PRO B 60 19.92 7.87 3.97
CA PRO B 60 20.83 6.77 4.27
C PRO B 60 20.71 6.29 5.70
N ASN B 61 21.22 5.06 5.90
CA ASN B 61 21.10 4.42 7.20
C ASN B 61 22.28 3.46 7.33
N SER B 62 22.87 3.33 8.53
CA SER B 62 23.99 2.41 8.66
C SER B 62 23.61 0.97 8.41
N SER B 63 22.30 0.67 8.47
CA SER B 63 21.84 -0.70 8.17
C SER B 63 21.39 -0.88 6.75
N ILE B 64 21.70 0.07 5.86
CA ILE B 64 21.38 -0.10 4.45
C ILE B 64 22.64 0.10 3.64
N LEU B 65 23.09 -0.97 2.98
CA LEU B 65 24.40 -0.94 2.34
C LEU B 65 24.26 -1.16 0.84
N ARG B 66 25.30 -0.81 0.11
CA ARG B 66 25.32 -0.97 -1.35
C ARG B 66 26.60 -1.72 -1.70
N LEU B 67 26.53 -2.65 -2.65
CA LEU B 67 27.80 -3.31 -3.07
C LEU B 67 28.42 -2.44 -4.14
N SER B 68 29.63 -1.93 -3.89
CA SER B 68 30.19 -1.03 -4.90
C SER B 68 30.68 -1.77 -6.14
N ALA B 69 31.08 -1.01 -7.19
CA ALA B 69 31.67 -1.65 -8.37
C ALA B 69 32.94 -2.48 -8.02
N ASP B 70 33.70 -2.04 -7.02
CA ASP B 70 34.91 -2.80 -6.60
C ASP B 70 34.57 -3.86 -5.53
N LEU B 71 33.27 -4.16 -5.36
CA LEU B 71 32.86 -5.33 -4.58
C LEU B 71 33.08 -5.15 -3.08
N ARG B 72 32.93 -3.91 -2.63
CA ARG B 72 32.95 -3.62 -1.19
C ARG B 72 31.57 -3.21 -0.74
N TRP B 73 31.17 -3.68 0.44
CA TRP B 73 29.93 -3.16 1.01
C TRP B 73 30.20 -1.81 1.68
N GLU B 74 29.36 -0.85 1.34
CA GLU B 74 29.50 0.51 1.90
C GLU B 74 28.10 1.02 2.22
N GLU B 75 28.01 2.00 3.11
CA GLU B 75 26.70 2.62 3.37
C GLU B 75 26.14 3.12 2.06
N ALA B 76 24.85 2.86 1.83
CA ALA B 76 24.20 3.17 0.54
C ALA B 76 23.80 4.64 0.51
N HIS B 77 23.99 5.27 -0.66
CA HIS B 77 23.53 6.65 -0.91
C HIS B 77 23.05 6.73 -2.33
N GLU B 78 21.92 7.40 -2.57
CA GLU B 78 21.63 7.78 -3.98
C GLU B 78 22.75 8.71 -4.47
N PRO B 79 23.10 8.65 -5.79
CA PRO B 79 22.58 7.71 -6.77
C PRO B 79 23.29 6.37 -6.62
N LEU B 80 22.52 5.29 -6.58
CA LEU B 80 23.10 3.97 -6.27
C LEU B 80 23.88 3.43 -7.44
N HIS B 81 23.72 3.99 -8.63
CA HIS B 81 24.34 3.33 -9.80
C HIS B 81 25.49 4.10 -10.39
N VAL B 82 26.05 5.07 -9.63
CA VAL B 82 27.10 5.93 -10.25
C VAL B 82 28.30 5.16 -10.83
N ASP B 83 28.76 4.16 -10.08
CA ASP B 83 29.91 3.37 -10.52
C ASP B 83 29.51 2.10 -11.29
N ILE B 84 28.22 1.97 -11.58
CA ILE B 84 27.67 0.80 -12.29
C ILE B 84 27.15 1.16 -13.68
N ASP B 85 26.29 2.17 -13.75
CA ASP B 85 25.76 2.63 -15.05
C ASP B 85 26.76 3.70 -15.49
N THR B 86 27.95 3.24 -15.85
CA THR B 86 29.05 4.15 -16.11
C THR B 86 28.83 4.89 -17.44
N GLY B 87 29.33 6.12 -17.50
CA GLY B 87 29.18 6.91 -18.72
C GLY B 87 27.83 7.60 -18.85
N LYS B 88 26.97 7.44 -17.86
CA LYS B 88 25.67 8.08 -17.84
C LYS B 88 25.51 8.85 -16.55
N VAL B 89 24.88 10.02 -16.56
CA VAL B 89 24.67 10.75 -15.29
C VAL B 89 23.46 10.18 -14.53
N CYS B 90 23.72 9.71 -13.32
CA CYS B 90 22.68 9.03 -12.54
C CYS B 90 22.03 9.96 -11.53
N GLY B 91 20.76 9.66 -11.25
CA GLY B 91 20.02 10.33 -10.19
C GLY B 91 19.30 9.30 -9.37
N VAL B 92 18.16 9.73 -8.82
CA VAL B 92 17.44 8.88 -7.90
C VAL B 92 16.67 7.78 -8.65
N GLY B 93 16.80 6.55 -8.13
CA GLY B 93 15.98 5.40 -8.57
C GLY B 93 15.13 4.95 -7.39
N PRO B 94 14.58 3.74 -7.49
CA PRO B 94 13.62 3.29 -6.45
C PRO B 94 14.31 2.61 -5.27
N GLY B 95 15.63 2.38 -5.34
CA GLY B 95 16.29 1.46 -4.39
C GLY B 95 16.30 1.92 -2.95
N MET B 96 16.62 3.19 -2.68
CA MET B 96 16.69 3.61 -1.26
C MET B 96 15.28 3.70 -0.63
N ALA B 97 14.32 4.17 -1.45
CA ALA B 97 12.94 4.23 -0.97
C ALA B 97 12.46 2.79 -0.64
N PHE B 98 12.79 1.86 -1.51
CA PHE B 98 12.49 0.44 -1.25
C PHE B 98 13.16 -0.01 0.05
N ALA B 99 14.47 0.24 0.19
CA ALA B 99 15.23 -0.29 1.32
C ALA B 99 14.74 0.27 2.64
N ASN B 100 14.47 1.59 2.69
CA ASN B 100 13.98 2.14 3.93
C ASN B 100 12.62 1.60 4.30
N ALA B 101 11.78 1.38 3.28
CA ALA B 101 10.44 0.89 3.57
C ALA B 101 10.50 -0.51 4.16
N VAL B 102 11.32 -1.39 3.55
CA VAL B 102 11.47 -2.75 4.08
C VAL B 102 12.08 -2.71 5.48
N LYS B 103 13.17 -1.94 5.64
CA LYS B 103 13.83 -1.89 6.95
C LYS B 103 12.88 -1.42 8.04
N ASN B 104 12.12 -0.36 7.74
CA ASN B 104 11.14 0.19 8.72
C ASN B 104 10.02 -0.81 9.09
N ARG B 105 9.55 -1.54 8.08
CA ARG B 105 8.48 -2.53 8.35
C ARG B 105 8.96 -3.74 9.11
N LEU B 106 10.22 -4.10 8.88
CA LEU B 106 10.69 -5.34 9.56
C LEU B 106 10.80 -5.17 11.04
N GLU B 107 11.06 -3.95 11.53
CA GLU B 107 11.23 -3.72 12.99
C GLU B 107 12.12 -4.78 13.63
N THR B 108 13.25 -5.04 12.96
CA THR B 108 14.17 -6.08 13.42
C THR B 108 15.59 -5.51 13.48
N ASP B 109 16.06 -5.30 14.71
CA ASP B 109 17.35 -4.64 14.91
C ASP B 109 18.44 -5.26 14.05
N SER B 110 18.42 -6.58 13.96
CA SER B 110 19.51 -7.28 13.32
C SER B 110 19.45 -7.26 11.80
N ALA B 111 18.33 -6.80 11.21
CA ALA B 111 18.17 -6.80 9.75
C ALA B 111 19.03 -5.74 9.09
N VAL B 112 19.89 -6.17 8.16
CA VAL B 112 20.77 -5.24 7.47
C VAL B 112 20.52 -5.45 5.99
N ILE B 113 20.08 -4.40 5.31
CA ILE B 113 19.72 -4.53 3.89
C ILE B 113 20.96 -4.34 3.04
N GLY B 114 21.13 -5.18 2.00
CA GLY B 114 22.22 -4.95 1.01
C GLY B 114 21.60 -4.76 -0.36
N LEU B 115 22.00 -3.72 -1.06
CA LEU B 115 21.51 -3.44 -2.43
C LEU B 115 22.68 -3.70 -3.38
N VAL B 116 22.35 -4.42 -4.45
CA VAL B 116 23.36 -4.80 -5.45
C VAL B 116 22.95 -4.16 -6.80
N PRO B 117 23.39 -2.92 -7.04
CA PRO B 117 22.99 -2.28 -8.28
C PRO B 117 23.68 -2.90 -9.49
N CYS B 118 22.87 -3.19 -10.52
CA CYS B 118 23.36 -3.82 -11.76
C CYS B 118 22.80 -3.23 -13.04
N ALA B 119 21.95 -2.22 -12.93
CA ALA B 119 21.25 -1.73 -14.14
C ALA B 119 22.15 -1.01 -15.09
N SER B 120 21.69 -0.85 -16.36
CA SER B 120 22.50 -0.22 -17.35
C SER B 120 21.57 0.54 -18.30
N GLY B 121 21.80 1.84 -18.44
CA GLY B 121 20.88 2.68 -19.22
C GLY B 121 20.85 2.35 -20.69
N GLY B 122 19.65 2.47 -21.29
CA GLY B 122 19.52 2.37 -22.75
C GLY B 122 19.61 0.95 -23.31
N THR B 123 19.38 -0.04 -22.44
CA THR B 123 19.57 -1.42 -22.86
C THR B 123 18.24 -2.13 -23.12
N ALA B 124 18.16 -2.81 -24.27
CA ALA B 124 17.00 -3.65 -24.57
C ALA B 124 17.24 -5.05 -23.97
N ILE B 125 16.20 -5.89 -23.89
CA ILE B 125 16.39 -7.14 -23.14
C ILE B 125 17.32 -8.13 -23.84
N LYS B 126 17.52 -7.98 -25.16
CA LYS B 126 18.52 -8.85 -25.84
C LYS B 126 19.92 -8.67 -25.22
N GLU B 127 20.19 -7.53 -24.61
CA GLU B 127 21.51 -7.27 -23.99
C GLU B 127 21.67 -7.99 -22.65
N TRP B 128 20.61 -8.69 -22.25
CA TRP B 128 20.54 -9.38 -20.92
C TRP B 128 20.39 -10.89 -21.10
N GLU B 129 20.66 -11.38 -22.31
CA GLU B 129 20.71 -12.82 -22.55
C GLU B 129 21.75 -13.49 -21.69
N ARG B 130 21.47 -14.73 -21.26
CA ARG B 130 22.51 -15.51 -20.55
C ARG B 130 23.77 -15.53 -21.38
N GLY B 131 24.91 -15.34 -20.71
CA GLY B 131 26.20 -15.18 -21.38
C GLY B 131 26.62 -13.77 -21.85
N SER B 132 25.69 -12.81 -21.89
CA SER B 132 26.02 -11.45 -22.31
C SER B 132 26.86 -10.74 -21.22
N HIS B 133 27.49 -9.62 -21.57
CA HIS B 133 28.27 -8.85 -20.58
C HIS B 133 27.41 -8.41 -19.37
N LEU B 134 26.23 -7.88 -19.64
CA LEU B 134 25.42 -7.30 -18.56
C LEU B 134 24.78 -8.40 -17.74
N TYR B 135 24.38 -9.51 -18.39
CA TYR B 135 23.83 -10.63 -17.62
C TYR B 135 24.90 -11.21 -16.71
N GLU B 136 26.07 -11.47 -17.28
CA GLU B 136 27.16 -12.07 -16.46
C GLU B 136 27.59 -11.11 -15.36
N ARG B 137 27.57 -9.81 -15.62
CA ARG B 137 27.91 -8.85 -14.55
C ARG B 137 26.88 -8.94 -13.40
N MET B 138 25.60 -9.06 -13.75
CA MET B 138 24.56 -9.20 -12.72
C MET B 138 24.74 -10.48 -11.92
N VAL B 139 25.03 -11.57 -12.60
CA VAL B 139 25.20 -12.85 -11.89
C VAL B 139 26.44 -12.80 -11.02
N LYS B 140 27.54 -12.29 -11.58
CA LYS B 140 28.78 -12.21 -10.81
C LYS B 140 28.64 -11.36 -9.55
N ARG B 141 28.02 -10.18 -9.70
CA ARG B 141 27.84 -9.28 -8.55
C ARG B 141 26.93 -9.91 -7.53
N THR B 142 25.95 -10.68 -8.03
CA THR B 142 25.03 -11.35 -7.10
C THR B 142 25.78 -12.43 -6.32
N GLU B 143 26.60 -13.21 -7.03
CA GLU B 143 27.40 -14.23 -6.35
C GLU B 143 28.39 -13.59 -5.33
N GLU B 144 29.03 -12.48 -5.70
CA GLU B 144 29.94 -11.80 -4.79
C GLU B 144 29.19 -11.30 -3.55
N SER B 145 27.96 -10.79 -3.75
CA SER B 145 27.18 -10.25 -2.63
C SER B 145 26.86 -11.33 -1.58
N ARG B 146 26.82 -12.61 -1.99
CA ARG B 146 26.44 -13.73 -1.10
C ARG B 146 27.60 -14.17 -0.23
N LYS B 147 28.82 -13.73 -0.57
CA LYS B 147 30.00 -14.24 0.16
C LYS B 147 29.99 -13.86 1.65
N CYS B 148 29.34 -12.73 1.95
CA CYS B 148 29.24 -12.24 3.34
C CYS B 148 28.27 -13.09 4.18
N GLY B 149 27.59 -14.03 3.52
CA GLY B 149 26.63 -14.93 4.17
C GLY B 149 25.17 -14.49 4.07
N GLY B 150 24.91 -13.29 3.56
CA GLY B 150 23.54 -12.81 3.46
C GLY B 150 22.77 -13.59 2.39
N GLU B 151 21.45 -13.61 2.53
CA GLU B 151 20.59 -14.32 1.61
C GLU B 151 20.02 -13.37 0.57
N ILE B 152 19.94 -13.84 -0.67
CA ILE B 152 19.30 -13.08 -1.75
C ILE B 152 17.80 -13.18 -1.61
N LYS B 153 17.16 -12.05 -1.31
CA LYS B 153 15.70 -12.07 -1.01
C LYS B 153 14.82 -11.84 -2.24
N ALA B 154 15.30 -11.04 -3.19
CA ALA B 154 14.54 -10.79 -4.42
C ALA B 154 15.39 -10.07 -5.43
N VAL B 155 14.96 -10.15 -6.67
CA VAL B 155 15.51 -9.31 -7.73
C VAL B 155 14.42 -8.28 -8.09
N LEU B 156 14.79 -7.00 -8.13
CA LEU B 156 13.86 -5.96 -8.57
C LEU B 156 14.32 -5.57 -9.95
N TRP B 157 13.42 -5.65 -10.91
CA TRP B 157 13.77 -5.48 -12.34
C TRP B 157 12.86 -4.43 -12.93
N TYR B 158 13.44 -3.42 -13.55
CA TYR B 158 12.62 -2.45 -14.27
C TYR B 158 13.26 -2.10 -15.59
N GLN B 159 12.66 -2.64 -16.64
CA GLN B 159 13.27 -2.54 -17.96
C GLN B 159 12.21 -2.70 -19.01
N GLY B 160 12.49 -2.17 -20.21
CA GLY B 160 11.66 -2.48 -21.34
C GLY B 160 11.39 -1.31 -22.23
N GLU B 161 11.70 -0.11 -21.75
CA GLU B 161 11.55 1.09 -22.61
C GLU B 161 12.33 0.94 -23.92
N SER B 162 13.43 0.19 -23.90
CA SER B 162 14.17 0.01 -25.18
C SER B 162 13.60 -1.08 -26.09
N ASP B 163 12.61 -1.84 -25.60
CA ASP B 163 12.02 -2.88 -26.43
C ASP B 163 10.70 -2.46 -27.10
N VAL B 164 10.33 -1.17 -27.01
CA VAL B 164 9.05 -0.74 -27.59
C VAL B 164 9.24 -0.22 -28.99
N LEU B 165 10.49 -0.04 -29.40
CA LEU B 165 10.77 0.70 -30.64
C LEU B 165 10.58 -0.16 -31.90
N ASP B 166 10.79 -1.47 -31.78
CA ASP B 166 10.71 -2.40 -32.90
C ASP B 166 9.68 -3.48 -32.54
N ILE B 167 8.70 -3.69 -33.41
CA ILE B 167 7.61 -4.64 -33.16
C ILE B 167 8.16 -6.04 -32.84
N HIS B 168 9.29 -6.40 -33.45
CA HIS B 168 9.88 -7.74 -33.21
C HIS B 168 10.33 -7.85 -31.76
N ASP B 169 10.88 -6.78 -31.20
CA ASP B 169 11.28 -6.82 -29.81
C ASP B 169 10.04 -6.82 -28.90
N ALA B 170 9.05 -5.99 -29.23
CA ALA B 170 7.85 -5.87 -28.38
C ALA B 170 7.10 -7.20 -28.31
N GLU B 171 7.00 -7.85 -29.46
CA GLU B 171 6.24 -9.13 -29.55
C GLU B 171 6.97 -10.32 -28.91
N SER B 172 8.29 -10.21 -28.73
CA SER B 172 9.07 -11.29 -28.13
C SER B 172 9.36 -11.04 -26.63
N TYR B 173 8.94 -9.90 -26.11
CA TYR B 173 9.34 -9.48 -24.76
C TYR B 173 8.96 -10.47 -23.70
N GLY B 174 7.72 -10.94 -23.75
CA GLY B 174 7.31 -11.92 -22.71
C GLY B 174 8.15 -13.19 -22.73
N ASN B 175 8.41 -13.75 -23.91
CA ASN B 175 9.24 -14.95 -23.99
C ASN B 175 10.66 -14.64 -23.49
N ASN B 176 11.18 -13.48 -23.85
CA ASN B 176 12.52 -13.06 -23.40
C ASN B 176 12.61 -12.90 -21.89
N MET B 177 11.57 -12.35 -21.31
CA MET B 177 11.55 -12.10 -19.84
C MET B 177 11.42 -13.44 -19.11
N ASP B 178 10.60 -14.34 -19.63
CA ASP B 178 10.45 -15.68 -19.04
C ASP B 178 11.81 -16.34 -19.03
N ARG B 179 12.56 -16.24 -20.15
CA ARG B 179 13.88 -16.88 -20.24
C ARG B 179 14.88 -16.22 -19.27
N LEU B 180 14.81 -14.90 -19.15
CA LEU B 180 15.72 -14.20 -18.19
C LEU B 180 15.50 -14.73 -16.75
N ILE B 181 14.24 -14.88 -16.35
CA ILE B 181 13.94 -15.35 -14.99
C ILE B 181 14.39 -16.79 -14.82
N LYS B 182 14.10 -17.67 -15.81
CA LYS B 182 14.57 -19.05 -15.71
C LYS B 182 16.12 -19.10 -15.61
N ASN B 183 16.79 -18.27 -16.40
CA ASN B 183 18.24 -18.26 -16.45
C ASN B 183 18.83 -17.86 -15.08
N LEU B 184 18.32 -16.77 -14.53
CA LEU B 184 18.82 -16.26 -13.24
C LEU B 184 18.59 -17.25 -12.14
N ARG B 185 17.39 -17.81 -12.07
CA ARG B 185 17.13 -18.81 -11.06
C ARG B 185 18.06 -20.01 -11.20
N HIS B 186 18.36 -20.41 -12.43
CA HIS B 186 19.19 -21.58 -12.62
C HIS B 186 20.66 -21.25 -12.24
N ASP B 187 21.15 -20.12 -12.74
CA ASP B 187 22.56 -19.78 -12.54
C ASP B 187 22.90 -19.46 -11.09
N LEU B 188 21.92 -18.96 -10.36
CA LEU B 188 22.12 -18.64 -8.92
C LEU B 188 21.77 -19.86 -8.06
N ASN B 189 21.22 -20.91 -8.68
CA ASN B 189 20.72 -22.06 -7.93
C ASN B 189 19.74 -21.65 -6.86
N LEU B 190 18.76 -20.86 -7.27
CA LEU B 190 17.70 -20.38 -6.39
C LEU B 190 16.38 -20.51 -7.13
N PRO B 191 15.87 -21.74 -7.18
CA PRO B 191 14.70 -22.03 -8.05
C PRO B 191 13.42 -21.24 -7.74
N SER B 192 13.32 -20.71 -6.52
CA SER B 192 12.14 -19.96 -6.09
C SER B 192 12.47 -18.47 -5.88
N LEU B 193 13.59 -18.01 -6.39
CA LEU B 193 14.02 -16.63 -6.14
C LEU B 193 12.93 -15.62 -6.59
N PRO B 194 12.39 -14.83 -5.66
CA PRO B 194 11.39 -13.83 -6.02
C PRO B 194 11.90 -12.82 -7.03
N ILE B 195 11.06 -12.54 -8.02
CA ILE B 195 11.37 -11.51 -9.03
C ILE B 195 10.22 -10.55 -8.96
N ILE B 196 10.52 -9.27 -8.83
CA ILE B 196 9.48 -8.26 -8.87
C ILE B 196 9.82 -7.33 -10.03
N GLN B 197 8.99 -7.36 -11.07
CA GLN B 197 9.26 -6.57 -12.27
C GLN B 197 8.32 -5.40 -12.31
N VAL B 198 8.58 -4.47 -13.22
CA VAL B 198 7.79 -3.25 -13.28
C VAL B 198 7.17 -3.09 -14.68
N ALA B 199 5.86 -2.90 -14.77
CA ALA B 199 5.25 -2.63 -16.10
C ALA B 199 5.54 -1.20 -16.44
N ILE B 200 6.14 -1.03 -17.62
CA ILE B 200 6.78 0.26 -17.92
C ILE B 200 5.76 1.39 -18.05
N ALA B 201 6.19 2.58 -17.67
CA ALA B 201 5.33 3.79 -17.65
C ALA B 201 5.41 4.60 -18.95
N SER B 202 6.41 4.33 -19.78
CA SER B 202 6.83 5.30 -20.78
C SER B 202 7.63 4.60 -21.87
N GLY B 203 7.79 5.29 -23.01
CA GLY B 203 8.62 4.73 -24.07
C GLY B 203 8.00 4.96 -25.44
N GLY B 204 6.67 5.14 -25.51
CA GLY B 204 5.98 5.27 -26.82
C GLY B 204 6.02 3.96 -27.59
N GLY B 205 5.93 4.06 -28.92
CA GLY B 205 6.04 2.88 -29.78
C GLY B 205 5.07 1.79 -29.32
N TYR B 206 5.59 0.57 -29.22
CA TYR B 206 4.76 -0.58 -28.88
C TYR B 206 4.71 -0.85 -27.38
N ILE B 207 4.60 0.24 -26.60
CA ILE B 207 4.53 0.15 -25.15
C ILE B 207 3.40 -0.79 -24.67
N ASP B 208 2.22 -0.74 -25.31
CA ASP B 208 1.12 -1.60 -24.87
C ASP B 208 1.48 -3.08 -24.97
N LYS B 209 2.20 -3.48 -26.04
CA LYS B 209 2.64 -4.88 -26.17
C LYS B 209 3.60 -5.30 -25.06
N VAL B 210 4.57 -4.43 -24.73
CA VAL B 210 5.53 -4.76 -23.68
C VAL B 210 4.77 -4.81 -22.35
N ARG B 211 3.93 -3.81 -22.08
CA ARG B 211 3.18 -3.81 -20.80
C ARG B 211 2.29 -5.05 -20.69
N GLU B 212 1.60 -5.41 -21.77
CA GLU B 212 0.77 -6.63 -21.75
C GLU B 212 1.63 -7.88 -21.39
N ALA B 213 2.85 -7.93 -21.93
CA ALA B 213 3.72 -9.05 -21.61
C ALA B 213 4.11 -9.03 -20.14
N GLN B 214 4.48 -7.85 -19.63
CA GLN B 214 4.92 -7.75 -18.23
C GLN B 214 3.79 -8.08 -17.27
N LEU B 215 2.63 -7.46 -17.50
CA LEU B 215 1.47 -7.67 -16.61
C LEU B 215 0.90 -9.07 -16.75
N GLY B 216 1.08 -9.68 -17.93
CA GLY B 216 0.42 -10.99 -18.23
C GLY B 216 1.28 -12.19 -17.85
N LEU B 217 2.55 -11.97 -17.53
CA LEU B 217 3.45 -13.10 -17.25
C LEU B 217 3.05 -13.78 -15.96
N LYS B 218 2.79 -15.09 -16.02
CA LYS B 218 2.34 -15.80 -14.84
C LYS B 218 3.34 -16.89 -14.48
N LEU B 219 4.14 -16.60 -13.46
CA LEU B 219 5.15 -17.56 -13.04
C LEU B 219 5.21 -17.57 -11.53
N SER B 220 5.54 -18.74 -10.97
CA SER B 220 5.67 -18.85 -9.54
C SER B 220 6.68 -17.82 -9.03
N ASN B 221 6.29 -17.12 -7.94
CA ASN B 221 7.17 -16.14 -7.27
C ASN B 221 7.64 -15.03 -8.14
N VAL B 222 6.81 -14.68 -9.13
CA VAL B 222 7.09 -13.47 -9.92
C VAL B 222 5.90 -12.55 -9.82
N VAL B 223 6.15 -11.30 -9.46
CA VAL B 223 5.05 -10.33 -9.34
C VAL B 223 5.40 -9.11 -10.18
N CYS B 224 4.36 -8.42 -10.69
CA CYS B 224 4.58 -7.22 -11.50
C CYS B 224 3.84 -6.05 -10.83
N VAL B 225 4.60 -4.99 -10.53
CA VAL B 225 4.01 -3.74 -10.08
C VAL B 225 3.89 -2.85 -11.30
N ASP B 226 2.91 -1.95 -11.29
CA ASP B 226 2.69 -1.12 -12.50
C ASP B 226 3.17 0.32 -12.27
N ALA B 227 4.07 0.78 -13.13
CA ALA B 227 4.52 2.17 -13.04
C ALA B 227 3.63 3.15 -13.83
N LYS B 228 2.62 2.63 -14.53
CA LYS B 228 1.75 3.54 -15.33
C LYS B 228 1.14 4.64 -14.47
N GLY B 229 1.18 5.87 -14.97
CA GLY B 229 0.61 7.03 -14.23
C GLY B 229 1.59 7.72 -13.30
N LEU B 230 2.74 7.11 -13.01
CA LEU B 230 3.72 7.81 -12.16
C LEU B 230 4.30 9.02 -12.90
N PRO B 231 4.58 10.12 -12.17
CA PRO B 231 5.08 11.32 -12.83
C PRO B 231 6.38 11.12 -13.59
N LEU B 232 6.34 11.64 -14.82
CA LEU B 232 7.48 11.63 -15.70
C LEU B 232 8.13 13.02 -15.74
N LYS B 233 9.43 12.97 -15.97
CA LYS B 233 10.24 14.16 -16.19
C LYS B 233 9.88 14.87 -17.49
N SER B 234 10.50 16.02 -17.73
CA SER B 234 10.14 16.77 -18.93
C SER B 234 10.42 16.02 -20.27
N ASP B 235 11.25 15.00 -20.21
CA ASP B 235 11.52 14.17 -21.38
C ASP B 235 10.41 13.17 -21.71
N ASN B 236 9.39 13.11 -20.85
CA ASN B 236 8.32 12.16 -21.06
C ASN B 236 8.76 10.69 -21.14
N LEU B 237 9.91 10.41 -20.52
CA LEU B 237 10.50 9.07 -20.57
C LEU B 237 10.96 8.56 -19.22
N HIS B 238 11.52 9.43 -18.37
CA HIS B 238 12.05 8.91 -17.11
C HIS B 238 11.29 9.38 -15.91
N LEU B 239 11.21 8.52 -14.90
CA LEU B 239 10.50 8.86 -13.67
C LEU B 239 11.20 10.01 -12.92
N THR B 240 10.37 10.87 -12.35
CA THR B 240 10.88 11.93 -11.47
C THR B 240 11.30 11.31 -10.14
N THR B 241 12.03 12.09 -9.32
CA THR B 241 12.45 11.60 -8.02
C THR B 241 11.19 11.27 -7.20
N GLU B 242 10.19 12.14 -7.23
CA GLU B 242 9.00 11.78 -6.43
C GLU B 242 8.33 10.50 -6.95
N ALA B 243 8.35 10.30 -8.27
CA ALA B 243 7.81 9.05 -8.85
C ALA B 243 8.58 7.85 -8.33
N GLN B 244 9.89 7.99 -8.23
CA GLN B 244 10.76 6.90 -7.80
C GLN B 244 10.53 6.57 -6.35
N VAL B 245 10.26 7.57 -5.51
CA VAL B 245 9.88 7.28 -4.11
C VAL B 245 8.58 6.43 -4.15
N GLN B 246 7.59 6.87 -4.92
CA GLN B 246 6.32 6.08 -5.04
C GLN B 246 6.59 4.66 -5.55
N LEU B 247 7.44 4.50 -6.57
CA LEU B 247 7.72 3.18 -7.11
C LEU B 247 8.45 2.36 -6.05
N GLY B 248 9.46 2.93 -5.39
CA GLY B 248 10.23 2.15 -4.36
C GLY B 248 9.28 1.65 -3.29
N LEU B 249 8.37 2.50 -2.84
CA LEU B 249 7.41 2.10 -1.81
C LEU B 249 6.53 0.96 -2.37
N SER B 250 6.12 1.04 -3.64
CA SER B 250 5.26 0.02 -4.25
C SER B 250 6.01 -1.29 -4.38
N LEU B 251 7.29 -1.20 -4.72
CA LEU B 251 8.13 -2.41 -4.77
C LEU B 251 8.24 -3.03 -3.40
N ALA B 252 8.47 -2.19 -2.37
CA ALA B 252 8.57 -2.71 -1.00
C ALA B 252 7.25 -3.38 -0.61
N GLN B 253 6.13 -2.70 -0.90
CA GLN B 253 4.81 -3.29 -0.56
C GLN B 253 4.66 -4.66 -1.20
N ALA B 254 5.02 -4.79 -2.48
CA ALA B 254 4.89 -6.07 -3.18
C ALA B 254 5.78 -7.13 -2.55
N TYR B 255 7.02 -6.72 -2.21
CA TYR B 255 7.94 -7.66 -1.58
C TYR B 255 7.43 -8.13 -0.23
N LEU B 256 7.01 -7.20 0.59
CA LEU B 256 6.59 -7.55 1.96
C LEU B 256 5.33 -8.40 1.95
N SER B 257 4.42 -8.05 1.07
CA SER B 257 3.12 -8.74 1.04
C SER B 257 3.19 -10.13 0.40
N ASN B 258 4.07 -10.32 -0.56
CA ASN B 258 4.09 -11.60 -1.29
C ASN B 258 5.13 -12.54 -0.76
N PHE B 259 6.25 -12.04 -0.20
CA PHE B 259 7.41 -12.92 0.07
C PHE B 259 7.93 -12.93 1.49
N CYS B 260 7.17 -12.32 2.38
CA CYS B 260 7.52 -12.19 3.80
C CYS B 260 6.35 -12.62 4.67
N PRO C 20 30.84 -10.68 -58.91
CA PRO C 20 30.65 -11.31 -57.60
C PRO C 20 29.66 -12.47 -57.67
N PRO C 21 29.57 -13.25 -56.60
CA PRO C 21 28.68 -14.40 -56.57
C PRO C 21 27.22 -14.07 -56.73
N ASN C 22 26.49 -15.00 -57.34
CA ASN C 22 25.03 -14.88 -57.39
C ASN C 22 24.32 -15.94 -56.59
N GLN C 23 25.07 -16.93 -56.06
CA GLN C 23 24.46 -17.94 -55.17
C GLN C 23 25.31 -18.02 -53.95
N ILE C 24 24.78 -17.55 -52.81
CA ILE C 24 25.60 -17.35 -51.61
C ILE C 24 25.17 -18.28 -50.48
N PHE C 25 26.15 -18.90 -49.84
CA PHE C 25 25.91 -19.80 -48.70
C PHE C 25 26.66 -19.29 -47.53
N ILE C 26 25.96 -19.25 -46.39
CA ILE C 26 26.55 -18.81 -45.12
C ILE C 26 27.01 -20.05 -44.36
N LEU C 27 28.26 -20.05 -43.88
CA LEU C 27 28.81 -21.22 -43.17
C LEU C 27 29.01 -20.78 -41.74
N SER C 28 28.36 -21.45 -40.80
CA SER C 28 28.51 -20.97 -39.42
C SER C 28 28.37 -22.10 -38.40
N GLY C 29 28.61 -21.76 -37.15
CA GLY C 29 28.62 -22.77 -36.06
C GLY C 29 29.95 -22.71 -35.33
N GLN C 30 30.40 -23.88 -34.82
CA GLN C 30 31.68 -23.94 -34.14
C GLN C 30 32.75 -24.68 -34.95
C SEB C 31 34.79 -26.82 -35.99
N SEB C 31 33.67 -25.37 -34.27
CI2 SEB C 31 33.56 -28.80 -27.07
CH2 SEB C 31 33.88 -28.90 -28.43
CJ SEB C 31 34.06 -27.73 -26.30
CI1 SEB C 31 34.86 -26.79 -26.95
CH1 SEB C 31 35.16 -26.93 -28.32
CZ SEB C 31 34.68 -27.99 -29.09
CE SEB C 31 35.02 -28.20 -30.64
OD2 SEB C 31 34.34 -25.80 -31.53
OD1 SEB C 31 36.80 -26.08 -31.16
SD SEB C 31 35.51 -26.76 -31.64
OG SEB C 31 35.64 -27.14 -33.16
CB SEB C 31 36.05 -26.10 -33.98
CA SEB C 31 34.95 -25.72 -34.95
O SEB C 31 35.68 -26.91 -36.85
N ASN C 32 33.73 -27.62 -35.97
CA ASN C 32 33.59 -28.59 -37.07
C ASN C 32 32.98 -27.97 -38.33
N MET C 33 32.48 -26.74 -38.23
CA MET C 33 32.23 -25.94 -39.44
C MET C 33 33.48 -25.15 -39.82
N ALA C 34 34.11 -24.49 -38.85
CA ALA C 34 35.32 -23.69 -39.12
C ALA C 34 36.35 -24.58 -39.82
N GLY C 35 36.46 -25.79 -39.33
CA GLY C 35 37.25 -26.87 -39.93
C GLY C 35 38.48 -27.19 -39.11
N ARG C 36 38.64 -28.47 -38.77
CA ARG C 36 39.85 -28.95 -38.11
C ARG C 36 40.47 -30.15 -38.80
N GLY C 37 39.94 -30.53 -39.96
CA GLY C 37 40.51 -31.67 -40.70
C GLY C 37 41.99 -31.44 -40.99
N GLY C 38 42.81 -32.43 -40.61
CA GLY C 38 44.24 -32.38 -40.89
C GLY C 38 45.08 -31.43 -40.04
N VAL C 39 44.49 -30.87 -39.00
CA VAL C 39 45.29 -30.10 -38.04
C VAL C 39 46.03 -31.07 -37.11
N PHE C 40 47.35 -30.89 -37.02
CA PHE C 40 48.17 -31.77 -36.19
C PHE C 40 49.34 -31.00 -35.57
N LYS C 41 50.01 -31.64 -34.62
CA LYS C 41 51.14 -30.99 -33.97
C LYS C 41 52.41 -31.44 -34.64
N ASP C 42 53.10 -30.50 -35.29
CA ASP C 42 54.37 -30.78 -35.96
C ASP C 42 55.43 -30.94 -34.88
N HIS C 43 55.94 -32.15 -34.74
CA HIS C 43 56.99 -32.41 -33.74
C HIS C 43 58.38 -31.83 -34.09
N HIS C 44 58.60 -31.38 -35.33
CA HIS C 44 59.86 -30.72 -35.65
C HIS C 44 59.99 -29.40 -34.86
N ASN C 45 58.91 -28.63 -34.82
CA ASN C 45 58.90 -27.32 -34.18
C ASN C 45 57.87 -27.18 -33.06
N ASN C 46 57.17 -28.29 -32.79
CA ASN C 46 56.17 -28.34 -31.72
C ASN C 46 55.10 -27.29 -31.89
N ARG C 47 54.69 -27.06 -33.15
CA ARG C 47 53.58 -26.15 -33.50
C ARG C 47 52.42 -26.90 -34.14
N TRP C 48 51.20 -26.49 -33.80
CA TRP C 48 49.99 -27.00 -34.44
C TRP C 48 49.84 -26.36 -35.80
N VAL C 49 49.58 -27.18 -36.84
CA VAL C 49 49.51 -26.70 -38.23
C VAL C 49 48.56 -27.58 -39.04
N TRP C 50 48.02 -27.05 -40.13
CA TRP C 50 47.22 -27.86 -41.05
C TRP C 50 48.15 -28.63 -41.96
N ASP C 51 47.84 -29.92 -42.16
CA ASP C 51 48.74 -30.82 -42.90
C ASP C 51 48.77 -30.66 -44.44
N LYS C 52 47.81 -29.87 -44.94
CA LYS C 52 47.70 -29.52 -46.39
C LYS C 52 47.24 -30.69 -47.25
N ILE C 53 46.75 -31.75 -46.60
CA ILE C 53 46.25 -32.88 -47.37
C ILE C 53 44.84 -32.53 -47.84
N LEU C 54 44.70 -32.33 -49.13
CA LEU C 54 43.45 -31.80 -49.66
C LEU C 54 42.91 -32.77 -50.71
N PRO C 55 41.73 -33.38 -50.46
CA PRO C 55 41.10 -34.28 -51.42
C PRO C 55 40.64 -33.50 -52.64
N PRO C 56 40.54 -34.17 -53.80
CA PRO C 56 40.10 -33.46 -55.00
C PRO C 56 38.72 -32.82 -54.85
N GLU C 57 37.90 -33.33 -53.93
CA GLU C 57 36.57 -32.78 -53.69
C GLU C 57 36.63 -31.36 -53.14
N CYS C 58 37.80 -30.94 -52.70
CA CYS C 58 37.98 -29.66 -52.04
C CYS C 58 38.76 -28.71 -52.93
N ALA C 59 38.93 -29.06 -54.21
CA ALA C 59 39.72 -28.26 -55.16
C ALA C 59 39.15 -26.85 -55.40
N PRO C 60 40.01 -25.85 -55.60
CA PRO C 60 39.48 -24.52 -55.86
C PRO C 60 38.87 -24.44 -57.26
N ASN C 61 38.09 -23.39 -57.50
CA ASN C 61 37.33 -23.22 -58.75
C ASN C 61 37.21 -21.73 -58.93
N SER C 62 37.43 -21.23 -60.15
CA SER C 62 37.42 -19.77 -60.32
C SER C 62 36.02 -19.22 -60.14
N SER C 63 35.02 -20.11 -60.14
CA SER C 63 33.64 -19.63 -59.83
C SER C 63 33.13 -20.01 -58.45
N ILE C 64 34.04 -20.34 -57.54
CA ILE C 64 33.65 -20.54 -56.15
C ILE C 64 34.49 -19.55 -55.35
N LEU C 65 33.84 -18.53 -54.78
CA LEU C 65 34.54 -17.42 -54.12
C LEU C 65 34.27 -17.44 -52.63
N ARG C 66 35.15 -16.81 -51.85
CA ARG C 66 35.03 -16.77 -50.38
C ARG C 66 35.02 -15.30 -50.02
N LEU C 67 34.16 -14.91 -49.05
CA LEU C 67 34.17 -13.51 -48.59
C LEU C 67 35.19 -13.42 -47.48
N SER C 68 36.26 -12.64 -47.68
CA SER C 68 37.33 -12.55 -46.66
C SER C 68 36.86 -11.77 -45.42
N ALA C 69 37.68 -11.82 -44.36
CA ALA C 69 37.41 -10.99 -43.18
C ALA C 69 37.27 -9.51 -43.55
N ASP C 70 38.04 -9.10 -44.55
CA ASP C 70 38.08 -7.70 -44.99
C ASP C 70 37.01 -7.44 -46.05
N LEU C 71 36.09 -8.39 -46.21
CA LEU C 71 34.87 -8.19 -47.01
C LEU C 71 35.16 -8.08 -48.51
N ARG C 72 36.16 -8.82 -48.97
CA ARG C 72 36.44 -8.88 -50.37
C ARG C 72 36.20 -10.31 -50.86
N TRP C 73 35.64 -10.46 -52.06
CA TRP C 73 35.50 -11.79 -52.62
C TRP C 73 36.81 -12.22 -53.23
N GLU C 74 37.21 -13.47 -52.97
CA GLU C 74 38.44 -14.01 -53.56
C GLU C 74 38.19 -15.48 -53.89
N GLU C 75 39.02 -16.05 -54.77
CA GLU C 75 38.84 -17.50 -55.05
C GLU C 75 38.93 -18.25 -53.75
N ALA C 76 37.98 -19.17 -53.53
CA ALA C 76 37.93 -19.89 -52.25
C ALA C 76 38.98 -21.02 -52.19
N HIS C 77 39.60 -21.17 -51.01
CA HIS C 77 40.55 -22.24 -50.74
C HIS C 77 40.39 -22.70 -49.32
N GLU C 78 40.49 -24.02 -49.10
CA GLU C 78 40.62 -24.47 -47.71
C GLU C 78 41.98 -23.99 -47.19
N PRO C 79 42.08 -23.72 -45.88
CA PRO C 79 41.00 -23.64 -44.89
C PRO C 79 40.22 -22.33 -45.03
N LEU C 80 38.89 -22.45 -45.06
CA LEU C 80 38.05 -21.26 -45.37
C LEU C 80 37.93 -20.27 -44.22
N HIS C 81 38.28 -20.69 -43.02
CA HIS C 81 38.06 -19.86 -41.85
C HIS C 81 39.33 -19.26 -41.23
N VAL C 82 40.47 -19.33 -41.91
CA VAL C 82 41.70 -18.83 -41.26
C VAL C 82 41.57 -17.41 -40.70
N ASP C 83 41.00 -16.49 -41.49
CA ASP C 83 40.89 -15.10 -41.05
C ASP C 83 39.61 -14.77 -40.28
N ILE C 84 38.82 -15.81 -39.97
CA ILE C 84 37.51 -15.69 -39.34
C ILE C 84 37.53 -16.31 -37.93
N ASP C 85 37.94 -17.57 -37.85
CA ASP C 85 38.09 -18.28 -36.59
C ASP C 85 39.50 -17.99 -36.08
N THR C 86 39.72 -16.72 -35.74
CA THR C 86 41.06 -16.22 -35.45
C THR C 86 41.59 -16.71 -34.11
N GLY C 87 42.91 -16.81 -34.00
CA GLY C 87 43.54 -17.32 -32.80
C GLY C 87 43.46 -18.84 -32.67
N LYS C 88 42.79 -19.49 -33.62
CA LYS C 88 42.67 -20.97 -33.64
C LYS C 88 43.27 -21.49 -34.95
N VAL C 89 43.94 -22.65 -34.91
CA VAL C 89 44.54 -23.22 -36.13
C VAL C 89 43.47 -23.97 -36.89
N CYS C 90 43.20 -23.47 -38.09
CA CYS C 90 42.13 -24.00 -38.91
C CYS C 90 42.60 -25.04 -39.92
N GLY C 91 41.74 -26.01 -40.22
CA GLY C 91 42.04 -26.97 -41.27
C GLY C 91 40.78 -27.15 -42.11
N VAL C 92 40.58 -28.36 -42.62
CA VAL C 92 39.51 -28.59 -43.60
C VAL C 92 38.16 -28.68 -42.90
N GLY C 93 37.20 -27.93 -43.44
CA GLY C 93 35.77 -28.04 -43.07
C GLY C 93 34.96 -28.61 -44.24
N PRO C 94 33.61 -28.51 -44.18
CA PRO C 94 32.77 -29.12 -45.22
C PRO C 94 32.52 -28.20 -46.40
N GLY C 95 33.03 -26.98 -46.32
CA GLY C 95 32.59 -25.92 -47.24
C GLY C 95 32.95 -26.13 -48.69
N MET C 96 34.23 -26.39 -48.97
CA MET C 96 34.61 -26.58 -50.39
C MET C 96 34.03 -27.84 -50.97
N ALA C 97 33.95 -28.91 -50.19
CA ALA C 97 33.32 -30.14 -50.68
C ALA C 97 31.86 -29.92 -51.03
N PHE C 98 31.16 -29.21 -50.15
CA PHE C 98 29.78 -28.75 -50.45
C PHE C 98 29.70 -27.93 -51.74
N ALA C 99 30.54 -26.90 -51.83
CA ALA C 99 30.49 -25.94 -52.95
C ALA C 99 30.76 -26.61 -54.29
N ASN C 100 31.78 -27.47 -54.34
CA ASN C 100 32.06 -28.18 -55.58
C ASN C 100 30.93 -29.10 -55.95
N ALA C 101 30.38 -29.78 -54.95
CA ALA C 101 29.28 -30.70 -55.24
C ALA C 101 28.06 -29.97 -55.79
N VAL C 102 27.69 -28.84 -55.20
CA VAL C 102 26.58 -28.05 -55.70
C VAL C 102 26.87 -27.53 -57.10
N LYS C 103 28.04 -26.90 -57.27
CA LYS C 103 28.44 -26.33 -58.57
C LYS C 103 28.38 -27.40 -59.68
N ASN C 104 28.93 -28.58 -59.39
CA ASN C 104 28.95 -29.68 -60.35
C ASN C 104 27.57 -30.19 -60.73
N ARG C 105 26.65 -30.18 -59.78
CA ARG C 105 25.30 -30.68 -59.98
C ARG C 105 24.37 -29.65 -60.62
N LEU C 106 24.64 -28.38 -60.40
CA LEU C 106 23.88 -27.33 -61.04
C LEU C 106 24.08 -27.38 -62.56
N GLU C 107 25.33 -27.63 -62.98
CA GLU C 107 25.74 -27.58 -64.38
C GLU C 107 25.25 -26.31 -65.08
N THR C 108 25.06 -25.25 -64.28
CA THR C 108 24.66 -23.93 -64.78
C THR C 108 25.92 -23.08 -64.83
N ASP C 109 26.43 -22.86 -66.04
CA ASP C 109 27.71 -22.17 -66.23
C ASP C 109 27.65 -20.76 -65.66
N SER C 110 26.43 -20.23 -65.51
CA SER C 110 26.24 -18.87 -65.03
C SER C 110 26.28 -18.76 -63.50
N ALA C 111 26.30 -19.88 -62.79
CA ALA C 111 26.29 -19.83 -61.31
C ALA C 111 27.67 -19.49 -60.80
N VAL C 112 27.75 -18.51 -59.92
CA VAL C 112 29.01 -18.19 -59.25
C VAL C 112 28.69 -18.30 -57.79
N ILE C 113 29.32 -19.27 -57.14
CA ILE C 113 29.03 -19.60 -55.74
C ILE C 113 29.84 -18.72 -54.83
N GLY C 114 29.21 -18.19 -53.79
CA GLY C 114 29.93 -17.42 -52.78
C GLY C 114 29.78 -18.07 -51.40
N LEU C 115 30.89 -18.26 -50.73
CA LEU C 115 30.93 -18.82 -49.38
C LEU C 115 31.24 -17.72 -48.38
N VAL C 116 30.45 -17.67 -47.29
CA VAL C 116 30.63 -16.59 -46.30
C VAL C 116 30.94 -17.27 -44.94
N PRO C 117 32.22 -17.56 -44.68
CA PRO C 117 32.57 -18.23 -43.40
C PRO C 117 32.34 -17.32 -42.22
N CYS C 118 31.68 -17.85 -41.18
CA CYS C 118 31.37 -17.05 -39.97
C CYS C 118 31.60 -17.84 -38.68
N ALA C 119 32.02 -19.10 -38.78
CA ALA C 119 32.04 -19.97 -37.57
C ALA C 119 33.13 -19.55 -36.60
N SER C 120 33.03 -20.04 -35.36
CA SER C 120 33.98 -19.64 -34.34
C SER C 120 34.17 -20.81 -33.39
N GLY C 121 35.41 -21.24 -33.21
CA GLY C 121 35.69 -22.46 -32.42
C GLY C 121 35.30 -22.29 -30.97
N GLY C 122 34.83 -23.40 -30.40
CA GLY C 122 34.67 -23.51 -28.95
C GLY C 122 33.49 -22.72 -28.40
N THR C 123 32.53 -22.40 -29.27
CA THR C 123 31.41 -21.52 -28.90
C THR C 123 30.14 -22.28 -28.66
N ALA C 124 29.53 -22.04 -27.50
CA ALA C 124 28.19 -22.57 -27.21
C ALA C 124 27.09 -21.69 -27.82
N ILE C 125 25.87 -22.19 -27.92
CA ILE C 125 24.86 -21.42 -28.63
C ILE C 125 24.44 -20.13 -27.91
N LYS C 126 24.65 -20.04 -26.61
CA LYS C 126 24.37 -18.75 -25.96
C LYS C 126 25.22 -17.61 -26.55
N GLU C 127 26.35 -17.96 -27.17
CA GLU C 127 27.28 -16.95 -27.75
C GLU C 127 26.81 -16.46 -29.10
N TRP C 128 25.65 -16.96 -29.53
CA TRP C 128 25.07 -16.69 -30.85
C TRP C 128 23.67 -16.08 -30.69
N GLU C 129 23.40 -15.56 -29.49
CA GLU C 129 22.13 -14.83 -29.29
C GLU C 129 22.09 -13.59 -30.12
N ARG C 130 20.90 -13.20 -30.51
CA ARG C 130 20.71 -11.90 -31.19
C ARG C 130 21.33 -10.78 -30.36
N GLY C 131 22.13 -9.94 -31.01
CA GLY C 131 22.88 -8.91 -30.32
C GLY C 131 24.31 -9.24 -29.95
N SER C 132 24.67 -10.53 -29.93
CA SER C 132 25.99 -10.98 -29.50
C SER C 132 27.01 -10.63 -30.59
N HIS C 133 28.27 -10.60 -30.22
CA HIS C 133 29.31 -10.34 -31.19
C HIS C 133 29.28 -11.28 -32.42
N LEU C 134 29.22 -12.58 -32.14
CA LEU C 134 29.28 -13.60 -33.21
C LEU C 134 28.01 -13.58 -34.07
N TYR C 135 26.84 -13.34 -33.44
CA TYR C 135 25.58 -13.26 -34.19
C TYR C 135 25.62 -12.06 -35.09
N GLU C 136 26.03 -10.91 -34.53
CA GLU C 136 26.03 -9.70 -35.35
C GLU C 136 27.09 -9.78 -36.44
N ARG C 137 28.19 -10.49 -36.18
CA ARG C 137 29.20 -10.70 -37.22
C ARG C 137 28.62 -11.51 -38.38
N MET C 138 27.87 -12.57 -38.04
CA MET C 138 27.21 -13.40 -39.05
C MET C 138 26.22 -12.60 -39.88
N VAL C 139 25.36 -11.81 -39.22
CA VAL C 139 24.40 -10.97 -39.94
C VAL C 139 25.12 -9.94 -40.81
N LYS C 140 26.10 -9.24 -40.24
CA LYS C 140 26.80 -8.21 -41.02
C LYS C 140 27.47 -8.81 -42.27
N ARG C 141 28.13 -9.96 -42.11
CA ARG C 141 28.84 -10.55 -43.22
C ARG C 141 27.87 -11.04 -44.27
N THR C 142 26.71 -11.52 -43.82
CA THR C 142 25.67 -11.99 -44.77
C THR C 142 25.12 -10.78 -45.53
N GLU C 143 24.85 -9.70 -44.82
CA GLU C 143 24.33 -8.51 -45.49
C GLU C 143 25.36 -7.96 -46.48
N GLU C 144 26.62 -7.90 -46.08
CA GLU C 144 27.68 -7.44 -47.00
C GLU C 144 27.73 -8.33 -48.23
N SER C 145 27.66 -9.64 -48.03
CA SER C 145 27.75 -10.62 -49.13
C SER C 145 26.72 -10.39 -50.24
N ARG C 146 25.55 -9.90 -49.89
CA ARG C 146 24.53 -9.67 -50.93
C ARG C 146 24.39 -8.24 -51.43
N LYS C 147 25.34 -7.37 -51.08
CA LYS C 147 25.22 -5.95 -51.42
C LYS C 147 25.06 -5.77 -52.91
N CYS C 148 25.56 -6.72 -53.68
CA CYS C 148 25.47 -6.61 -55.13
C CYS C 148 24.33 -7.36 -55.82
N GLY C 149 23.52 -8.04 -55.03
CA GLY C 149 22.28 -8.58 -55.54
C GLY C 149 22.24 -10.10 -55.53
N GLY C 150 23.33 -10.74 -55.11
CA GLY C 150 23.36 -12.19 -55.01
C GLY C 150 22.32 -12.69 -54.01
N GLU C 151 21.80 -13.89 -54.24
CA GLU C 151 20.78 -14.46 -53.36
C GLU C 151 21.40 -15.30 -52.29
N ILE C 152 20.90 -15.17 -51.07
CA ILE C 152 21.35 -16.07 -50.03
C ILE C 152 20.56 -17.38 -50.18
N LYS C 153 21.23 -18.44 -50.56
CA LYS C 153 20.52 -19.67 -50.88
C LYS C 153 20.28 -20.56 -49.64
N ALA C 154 21.18 -20.46 -48.68
CA ALA C 154 21.08 -21.27 -47.47
C ALA C 154 22.10 -20.89 -46.42
N VAL C 155 21.77 -21.19 -45.17
CA VAL C 155 22.74 -21.15 -44.10
C VAL C 155 23.08 -22.60 -43.77
N LEU C 156 24.37 -22.89 -43.74
CA LEU C 156 24.86 -24.22 -43.23
C LEU C 156 25.36 -24.03 -41.81
N TRP C 157 24.84 -24.83 -40.87
CA TRP C 157 25.14 -24.60 -39.47
C TRP C 157 25.55 -25.91 -38.85
N TYR C 158 26.71 -25.90 -38.22
CA TYR C 158 27.19 -27.11 -37.55
C TYR C 158 27.75 -26.67 -36.21
N GLN C 159 26.99 -26.95 -35.14
CA GLN C 159 27.39 -26.45 -33.81
C GLN C 159 26.68 -27.27 -32.76
N GLY C 160 27.22 -27.32 -31.54
CA GLY C 160 26.51 -27.96 -30.44
C GLY C 160 27.42 -28.73 -29.53
N GLU C 161 28.63 -29.04 -29.99
CA GLU C 161 29.57 -29.76 -29.12
C GLU C 161 29.79 -29.02 -27.79
N SER C 162 29.68 -27.69 -27.81
CA SER C 162 29.88 -26.91 -26.58
C SER C 162 28.65 -26.84 -25.69
N ASP C 163 27.52 -27.38 -26.18
CA ASP C 163 26.28 -27.38 -25.43
C ASP C 163 25.98 -28.70 -24.72
N VAL C 164 26.89 -29.66 -24.83
CA VAL C 164 26.64 -30.98 -24.21
C VAL C 164 27.15 -31.09 -22.78
N LEU C 165 27.99 -30.14 -22.39
CA LEU C 165 28.74 -30.21 -21.14
C LEU C 165 27.82 -30.05 -19.93
N ASP C 166 26.86 -29.14 -20.06
CA ASP C 166 25.98 -28.77 -18.97
C ASP C 166 24.56 -29.15 -19.36
N ILE C 167 23.91 -29.95 -18.49
CA ILE C 167 22.53 -30.39 -18.74
C ILE C 167 21.56 -29.22 -19.02
N HIS C 168 21.77 -28.04 -18.43
CA HIS C 168 20.85 -26.91 -18.69
C HIS C 168 21.00 -26.44 -20.13
N ASP C 169 22.24 -26.44 -20.63
CA ASP C 169 22.44 -26.06 -22.04
C ASP C 169 21.83 -27.12 -22.94
N ALA C 170 22.05 -28.39 -22.61
CA ALA C 170 21.56 -29.45 -23.52
C ALA C 170 20.03 -29.48 -23.57
N GLU C 171 19.38 -29.26 -22.44
CA GLU C 171 17.92 -29.30 -22.38
C GLU C 171 17.27 -28.04 -23.01
N SER C 172 18.05 -26.97 -23.20
CA SER C 172 17.49 -25.75 -23.78
C SER C 172 17.93 -25.61 -25.23
N TYR C 173 18.70 -26.56 -25.75
CA TYR C 173 19.29 -26.42 -27.08
C TYR C 173 18.23 -26.22 -28.16
N GLY C 174 17.17 -27.03 -28.15
CA GLY C 174 16.17 -26.91 -29.24
C GLY C 174 15.50 -25.56 -29.25
N ASN C 175 15.11 -25.08 -28.07
CA ASN C 175 14.55 -23.72 -27.96
C ASN C 175 15.52 -22.64 -28.48
N ASN C 176 16.79 -22.77 -28.13
CA ASN C 176 17.79 -21.80 -28.49
C ASN C 176 18.03 -21.81 -29.99
N MET C 177 18.04 -23.01 -30.58
CA MET C 177 18.21 -23.12 -32.05
C MET C 177 16.96 -22.56 -32.79
N ASP C 178 15.78 -22.89 -32.30
CA ASP C 178 14.57 -22.29 -32.88
C ASP C 178 14.63 -20.74 -32.87
N ARG C 179 15.07 -20.16 -31.74
CA ARG C 179 15.23 -18.72 -31.63
C ARG C 179 16.30 -18.18 -32.59
N LEU C 180 17.41 -18.89 -32.72
CA LEU C 180 18.47 -18.45 -33.64
C LEU C 180 17.91 -18.34 -35.06
N ILE C 181 17.15 -19.34 -35.48
CA ILE C 181 16.63 -19.42 -36.87
C ILE C 181 15.61 -18.33 -37.10
N LYS C 182 14.74 -18.12 -36.11
CA LYS C 182 13.79 -17.00 -36.15
C LYS C 182 14.46 -15.66 -36.25
N ASN C 183 15.51 -15.49 -35.43
CA ASN C 183 16.23 -14.22 -35.38
C ASN C 183 16.89 -13.92 -36.74
N LEU C 184 17.63 -14.89 -37.27
CA LEU C 184 18.25 -14.73 -38.61
C LEU C 184 17.23 -14.41 -39.68
N ARG C 185 16.15 -15.19 -39.75
CA ARG C 185 15.14 -14.91 -40.78
C ARG C 185 14.55 -13.51 -40.66
N HIS C 186 14.30 -13.09 -39.42
CA HIS C 186 13.78 -11.78 -39.20
C HIS C 186 14.79 -10.69 -39.57
N ASP C 187 16.02 -10.81 -39.07
CA ASP C 187 17.00 -9.74 -39.24
C ASP C 187 17.44 -9.57 -40.70
N LEU C 188 17.43 -10.66 -41.46
CA LEU C 188 17.76 -10.62 -42.90
C LEU C 188 16.52 -10.37 -43.76
N ASN C 189 15.34 -10.35 -43.14
CA ASN C 189 14.08 -10.25 -43.88
C ASN C 189 14.03 -11.30 -44.97
N LEU C 190 14.28 -12.55 -44.56
CA LEU C 190 14.18 -13.70 -45.44
C LEU C 190 13.37 -14.77 -44.69
N PRO C 191 12.02 -14.66 -44.68
CA PRO C 191 11.19 -15.52 -43.82
C PRO C 191 11.31 -16.99 -44.20
N SER C 192 11.79 -17.26 -45.41
CA SER C 192 11.92 -18.62 -45.93
C SER C 192 13.37 -19.12 -46.07
N LEU C 193 14.33 -18.40 -45.50
CA LEU C 193 15.75 -18.72 -45.70
C LEU C 193 16.03 -20.15 -45.26
N PRO C 194 16.48 -21.03 -46.19
CA PRO C 194 16.80 -22.41 -45.80
C PRO C 194 17.93 -22.49 -44.80
N ILE C 195 17.73 -23.31 -43.79
CA ILE C 195 18.77 -23.61 -42.83
C ILE C 195 19.02 -25.11 -42.90
N ILE C 196 20.28 -25.50 -43.03
CA ILE C 196 20.62 -26.94 -42.98
C ILE C 196 21.55 -27.10 -41.79
N GLN C 197 21.09 -27.77 -40.73
CA GLN C 197 21.92 -27.94 -39.54
C GLN C 197 22.45 -29.33 -39.47
N VAL C 198 23.40 -29.55 -38.57
CA VAL C 198 24.07 -30.86 -38.49
C VAL C 198 23.88 -31.45 -37.12
N ALA C 199 23.30 -32.66 -37.07
CA ALA C 199 23.23 -33.34 -35.77
C ALA C 199 24.63 -33.80 -35.41
N ILE C 200 25.09 -33.37 -34.24
CA ILE C 200 26.51 -33.48 -33.94
C ILE C 200 26.97 -34.93 -33.76
N ALA C 201 28.24 -35.15 -34.05
CA ALA C 201 28.83 -36.49 -34.09
C ALA C 201 29.61 -36.81 -32.83
N SER C 202 29.89 -35.78 -32.04
CA SER C 202 30.89 -35.86 -30.98
C SER C 202 30.65 -34.80 -29.92
N GLY C 203 31.33 -34.97 -28.78
CA GLY C 203 31.29 -33.98 -27.71
C GLY C 203 31.12 -34.66 -26.35
N GLY C 204 30.60 -35.89 -26.32
CA GLY C 204 30.35 -36.55 -25.02
C GLY C 204 29.21 -35.88 -24.26
N GLY C 205 29.24 -35.97 -22.92
CA GLY C 205 28.21 -35.34 -22.11
C GLY C 205 26.80 -35.68 -22.59
N TYR C 206 25.95 -34.65 -22.72
CA TYR C 206 24.55 -34.82 -23.02
C TYR C 206 24.35 -34.69 -24.53
N ILE C 207 25.28 -35.29 -25.26
CA ILE C 207 25.18 -35.31 -26.73
C ILE C 207 23.83 -35.88 -27.20
N ASP C 208 23.32 -36.94 -26.54
CA ASP C 208 22.03 -37.49 -26.93
C ASP C 208 20.90 -36.44 -26.87
N LYS C 209 20.89 -35.59 -25.84
CA LYS C 209 19.86 -34.57 -25.70
C LYS C 209 20.00 -33.53 -26.81
N VAL C 210 21.24 -33.13 -27.11
CA VAL C 210 21.47 -32.14 -28.16
C VAL C 210 21.07 -32.71 -29.52
N ARG C 211 21.52 -33.91 -29.82
CA ARG C 211 21.18 -34.54 -31.13
C ARG C 211 19.67 -34.72 -31.30
N GLU C 212 18.97 -35.09 -30.22
CA GLU C 212 17.52 -35.24 -30.25
C GLU C 212 16.87 -33.89 -30.61
N ALA C 213 17.38 -32.81 -30.01
CA ALA C 213 16.91 -31.44 -30.33
C ALA C 213 17.15 -31.07 -31.77
N GLN C 214 18.33 -31.40 -32.27
CA GLN C 214 18.68 -31.00 -33.65
C GLN C 214 17.85 -31.79 -34.65
N LEU C 215 17.80 -33.11 -34.45
CA LEU C 215 17.06 -34.01 -35.34
C LEU C 215 15.55 -33.82 -35.27
N GLY C 216 15.03 -33.47 -34.09
CA GLY C 216 13.58 -33.28 -33.90
C GLY C 216 13.06 -31.86 -34.14
N LEU C 217 13.91 -30.90 -34.50
CA LEU C 217 13.44 -29.52 -34.64
C LEU C 217 12.66 -29.42 -35.94
N LYS C 218 11.36 -29.14 -35.83
CA LYS C 218 10.49 -29.12 -37.00
C LYS C 218 10.08 -27.69 -37.32
N LEU C 219 10.67 -27.12 -38.39
CA LEU C 219 10.34 -25.77 -38.84
C LEU C 219 10.35 -25.74 -40.35
N SER C 220 9.54 -24.87 -40.94
CA SER C 220 9.57 -24.73 -42.39
C SER C 220 10.95 -24.42 -42.92
N ASN C 221 11.35 -25.14 -43.98
CA ASN C 221 12.64 -24.90 -44.63
C ASN C 221 13.86 -25.04 -43.75
N VAL C 222 13.74 -25.89 -42.71
CA VAL C 222 14.90 -26.29 -41.93
C VAL C 222 15.08 -27.80 -42.14
N VAL C 223 16.31 -28.24 -42.44
CA VAL C 223 16.59 -29.68 -42.53
C VAL C 223 17.80 -29.98 -41.68
N CYS C 224 17.92 -31.23 -41.22
CA CYS C 224 19.07 -31.65 -40.43
C CYS C 224 19.76 -32.81 -41.16
N VAL C 225 21.07 -32.69 -41.38
CA VAL C 225 21.88 -33.81 -41.81
C VAL C 225 22.57 -34.41 -40.57
N ASP C 226 22.85 -35.71 -40.55
CA ASP C 226 23.38 -36.33 -39.34
C ASP C 226 24.84 -36.69 -39.57
N ALA C 227 25.72 -36.12 -38.76
CA ALA C 227 27.16 -36.45 -38.86
C ALA C 227 27.56 -37.66 -38.01
N LYS C 228 26.62 -38.24 -37.28
CA LYS C 228 26.96 -39.41 -36.43
C LYS C 228 27.62 -40.49 -37.26
N GLY C 229 28.71 -41.05 -36.77
CA GLY C 229 29.37 -42.12 -37.46
C GLY C 229 30.49 -41.73 -38.41
N LEU C 230 30.62 -40.44 -38.70
CA LEU C 230 31.73 -39.98 -39.55
C LEU C 230 33.06 -40.04 -38.77
N PRO C 231 34.16 -40.35 -39.48
CA PRO C 231 35.44 -40.54 -38.76
C PRO C 231 35.91 -39.31 -37.97
N LEU C 232 36.33 -39.55 -36.73
CA LEU C 232 36.87 -38.51 -35.91
C LEU C 232 38.40 -38.61 -35.81
N LYS C 233 39.01 -37.46 -35.55
CA LYS C 233 40.43 -37.37 -35.28
C LYS C 233 40.78 -38.03 -33.96
N SER C 234 42.06 -38.10 -33.65
CA SER C 234 42.47 -38.78 -32.41
C SER C 234 41.93 -38.12 -31.13
N ASP C 235 41.53 -36.84 -31.21
CA ASP C 235 40.91 -36.14 -30.07
C ASP C 235 39.47 -36.58 -29.78
N ASN C 236 38.95 -37.48 -30.61
CA ASN C 236 37.58 -37.98 -30.52
C ASN C 236 36.54 -36.87 -30.53
N LEU C 237 36.85 -35.75 -31.21
CA LEU C 237 35.98 -34.58 -31.12
C LEU C 237 35.78 -33.94 -32.49
N HIS C 238 36.86 -33.87 -33.27
CA HIS C 238 36.82 -33.16 -34.57
C HIS C 238 36.80 -34.12 -35.73
N LEU C 239 35.98 -33.80 -36.74
CA LEU C 239 35.91 -34.62 -37.96
C LEU C 239 37.24 -34.55 -38.68
N THR C 240 37.65 -35.70 -39.24
CA THR C 240 38.84 -35.76 -40.07
C THR C 240 38.57 -35.10 -41.42
N THR C 241 39.62 -34.86 -42.18
CA THR C 241 39.43 -34.28 -43.50
C THR C 241 38.53 -35.17 -44.39
N GLU C 242 38.76 -36.49 -44.35
CA GLU C 242 37.91 -37.45 -45.06
C GLU C 242 36.45 -37.34 -44.64
N ALA C 243 36.20 -37.24 -43.33
CA ALA C 243 34.85 -37.02 -42.82
C ALA C 243 34.22 -35.73 -43.36
N GLN C 244 35.05 -34.69 -43.47
CA GLN C 244 34.54 -33.37 -43.91
C GLN C 244 34.11 -33.44 -45.35
N VAL C 245 34.82 -34.22 -46.15
CA VAL C 245 34.40 -34.42 -47.56
C VAL C 245 33.03 -35.09 -47.57
N GLN C 246 32.87 -36.17 -46.83
CA GLN C 246 31.58 -36.86 -46.75
C GLN C 246 30.46 -35.93 -46.27
N LEU C 247 30.75 -35.15 -45.22
CA LEU C 247 29.76 -34.21 -44.70
C LEU C 247 29.39 -33.18 -45.75
N GLY C 248 30.41 -32.65 -46.44
CA GLY C 248 30.15 -31.63 -47.50
C GLY C 248 29.20 -32.18 -48.55
N LEU C 249 29.41 -33.44 -48.91
CA LEU C 249 28.62 -34.05 -49.97
C LEU C 249 27.20 -34.28 -49.47
N SER C 250 27.06 -34.61 -48.18
CA SER C 250 25.73 -34.83 -47.61
C SER C 250 24.94 -33.53 -47.51
N LEU C 251 25.66 -32.45 -47.13
CA LEU C 251 25.06 -31.16 -47.04
C LEU C 251 24.60 -30.72 -48.42
N ALA C 252 25.43 -31.00 -49.43
CA ALA C 252 25.08 -30.64 -50.79
C ALA C 252 23.84 -31.42 -51.24
N GLN C 253 23.79 -32.70 -50.92
CA GLN C 253 22.64 -33.50 -51.31
C GLN C 253 21.36 -32.96 -50.65
N ALA C 254 21.46 -32.54 -49.39
CA ALA C 254 20.31 -32.01 -48.66
C ALA C 254 19.87 -30.69 -49.27
N TYR C 255 20.83 -29.85 -49.64
CA TYR C 255 20.50 -28.59 -50.27
C TYR C 255 19.79 -28.83 -51.59
N LEU C 256 20.38 -29.69 -52.43
CA LEU C 256 19.89 -29.87 -53.79
C LEU C 256 18.53 -30.53 -53.78
N SER C 257 18.32 -31.46 -52.84
CA SER C 257 17.07 -32.23 -52.89
C SER C 257 15.92 -31.47 -52.23
N ASN C 258 16.22 -30.58 -51.32
CA ASN C 258 15.17 -29.87 -50.62
C ASN C 258 14.86 -28.50 -51.18
N PHE C 259 15.87 -27.81 -51.70
CA PHE C 259 15.71 -26.39 -51.96
C PHE C 259 15.95 -25.99 -53.41
N CYS C 260 16.15 -26.99 -54.26
CA CYS C 260 16.38 -26.73 -55.69
C CYS C 260 15.31 -27.41 -56.55
N PRO D 20 -16.56 23.32 59.03
CA PRO D 20 -17.04 22.82 57.73
C PRO D 20 -18.41 22.13 57.85
N PRO D 21 -19.13 22.02 56.73
CA PRO D 21 -20.42 21.34 56.79
C PRO D 21 -20.34 19.84 57.09
N ASN D 22 -21.35 19.30 57.77
CA ASN D 22 -21.42 17.87 57.97
C ASN D 22 -22.51 17.21 57.12
N GLN D 23 -23.45 18.02 56.62
CA GLN D 23 -24.55 17.50 55.83
C GLN D 23 -24.65 18.30 54.55
N ILE D 24 -24.36 17.66 53.43
CA ILE D 24 -24.16 18.38 52.19
C ILE D 24 -25.24 18.03 51.19
N PHE D 25 -25.75 19.05 50.50
CA PHE D 25 -26.81 18.86 49.51
C PHE D 25 -26.35 19.44 48.19
N ILE D 26 -26.46 18.68 47.10
CA ILE D 26 -26.04 19.16 45.78
C ILE D 26 -27.26 19.74 45.10
N LEU D 27 -27.12 20.94 44.56
CA LEU D 27 -28.24 21.62 43.90
C LEU D 27 -27.93 21.71 42.43
N SER D 28 -28.74 21.07 41.61
CA SER D 28 -28.43 21.11 40.18
C SER D 28 -29.63 21.06 39.25
N GLY D 29 -29.35 21.23 37.96
CA GLY D 29 -30.44 21.28 36.98
C GLY D 29 -30.28 22.55 36.15
N GLN D 30 -31.41 23.13 35.71
CA GLN D 30 -31.34 24.35 34.89
C GLN D 30 -31.87 25.58 35.66
C SEB D 31 -33.55 27.98 36.79
N SEB D 31 -32.44 26.56 34.98
CI2 SEB D 31 -36.19 26.39 28.20
CH2 SEB D 31 -36.16 26.71 29.56
CJ SEB D 31 -35.38 27.10 27.32
CI1 SEB D 31 -34.53 28.11 27.82
CH1 SEB D 31 -34.53 28.42 29.18
CZ SEB D 31 -35.34 27.71 30.08
CE SEB D 31 -35.40 28.04 31.62
OD2 SEB D 31 -33.03 27.08 32.31
OD1 SEB D 31 -33.03 29.51 31.73
SD SEB D 31 -33.82 28.37 32.41
OG SEB D 31 -34.09 28.68 33.92
CB SEB D 31 -32.94 28.99 34.59
CA SEB D 31 -32.59 27.90 35.61
O SEB D 31 -33.42 28.92 37.58
N ASN D 32 -34.55 27.08 36.90
CA ASN D 32 -35.43 27.12 38.08
C ASN D 32 -34.79 26.47 39.32
N MET D 33 -33.65 25.82 39.14
CA MET D 33 -32.78 25.50 40.30
C MET D 33 -31.78 26.65 40.54
N ALA D 34 -31.15 27.13 39.46
CA ALA D 34 -30.18 28.25 39.60
C ALA D 34 -30.87 29.44 40.29
N GLY D 35 -32.14 29.63 39.95
CA GLY D 35 -32.96 30.67 40.61
C GLY D 35 -33.18 31.84 39.71
N ARG D 36 -34.46 32.14 39.48
CA ARG D 36 -34.82 33.36 38.77
C ARG D 36 -35.89 34.16 39.52
N GLY D 37 -36.18 33.79 40.77
CA GLY D 37 -37.21 34.52 41.53
C GLY D 37 -36.76 35.96 41.71
N GLY D 38 -37.66 36.90 41.36
CA GLY D 38 -37.44 38.33 41.55
C GLY D 38 -36.50 38.99 40.55
N VAL D 39 -36.13 38.27 39.52
CA VAL D 39 -35.32 38.85 38.42
C VAL D 39 -36.25 39.47 37.39
N PHE D 40 -36.13 40.78 37.15
CA PHE D 40 -37.05 41.43 36.22
C PHE D 40 -36.27 42.16 35.15
N LYS D 41 -36.79 42.17 33.92
CA LYS D 41 -36.18 42.92 32.83
C LYS D 41 -36.63 44.37 32.90
N ASP D 42 -35.66 45.28 32.94
CA ASP D 42 -35.95 46.69 32.93
C ASP D 42 -36.17 47.08 31.48
N HIS D 43 -37.37 47.57 31.17
CA HIS D 43 -37.72 47.80 29.78
C HIS D 43 -37.10 49.09 29.29
N HIS D 44 -36.49 49.85 30.19
CA HIS D 44 -35.82 51.07 29.73
C HIS D 44 -34.45 50.80 29.09
N ASN D 45 -33.81 49.70 29.48
CA ASN D 45 -32.45 49.39 29.04
C ASN D 45 -32.21 47.95 28.59
N ASN D 46 -33.21 47.09 28.80
CA ASN D 46 -33.20 45.68 28.41
C ASN D 46 -32.34 44.78 29.32
N ARG D 47 -31.94 45.31 30.48
CA ARG D 47 -31.16 44.53 31.47
C ARG D 47 -32.05 43.81 32.48
N TRP D 48 -31.69 42.55 32.78
CA TRP D 48 -32.31 41.79 33.88
C TRP D 48 -31.66 42.13 35.22
N VAL D 49 -32.46 42.29 36.27
CA VAL D 49 -31.93 42.67 37.60
C VAL D 49 -32.72 41.93 38.68
N TRP D 50 -32.02 41.35 39.65
CA TRP D 50 -32.70 40.77 40.82
C TRP D 50 -33.22 41.88 41.77
N ASP D 51 -34.50 41.76 42.17
CA ASP D 51 -35.15 42.74 43.02
C ASP D 51 -34.66 42.78 44.47
N LYS D 52 -33.84 41.80 44.82
CA LYS D 52 -33.24 41.73 46.15
C LYS D 52 -34.22 41.42 47.26
N ILE D 53 -35.45 41.06 46.90
CA ILE D 53 -36.43 40.72 47.94
C ILE D 53 -36.16 39.32 48.45
N LEU D 54 -35.86 39.25 49.73
CA LEU D 54 -35.46 38.00 50.36
C LEU D 54 -36.48 37.59 51.41
N PRO D 55 -37.29 36.54 51.10
CA PRO D 55 -38.30 36.04 52.05
C PRO D 55 -37.60 35.57 53.30
N PRO D 56 -38.26 35.70 54.46
CA PRO D 56 -37.59 35.26 55.69
C PRO D 56 -37.31 33.75 55.64
N GLU D 57 -38.08 33.04 54.83
CA GLU D 57 -37.84 31.59 54.64
C GLU D 57 -36.48 31.29 54.05
N CYS D 58 -35.88 32.31 53.44
CA CYS D 58 -34.62 32.19 52.72
C CYS D 58 -33.45 32.81 53.54
N ALA D 59 -33.72 33.17 54.78
CA ALA D 59 -32.76 33.94 55.58
C ALA D 59 -31.46 33.18 55.81
N PRO D 60 -30.32 33.90 55.82
CA PRO D 60 -29.06 33.22 56.01
C PRO D 60 -28.87 32.74 57.47
N ASN D 61 -27.90 31.87 57.67
CA ASN D 61 -27.63 31.32 58.99
C ASN D 61 -26.15 30.94 59.00
N SER D 62 -25.46 31.16 60.12
CA SER D 62 -24.03 30.86 60.13
C SER D 62 -23.72 29.37 59.98
N SER D 63 -24.73 28.52 60.17
CA SER D 63 -24.61 27.07 60.00
C SER D 63 -25.16 26.57 58.65
N ILE D 64 -25.43 27.50 57.73
CA ILE D 64 -25.80 27.13 56.36
C ILE D 64 -24.76 27.75 55.42
N LEU D 65 -23.96 26.88 54.81
CA LEU D 65 -22.81 27.29 54.01
C LEU D 65 -23.03 26.99 52.52
N ARG D 66 -22.26 27.67 51.66
CA ARG D 66 -22.34 27.48 50.22
C ARG D 66 -20.91 27.25 49.77
N LEU D 67 -20.72 26.30 48.86
CA LEU D 67 -19.40 26.07 48.26
C LEU D 67 -19.26 27.01 47.08
N SER D 68 -18.26 27.90 47.15
CA SER D 68 -18.16 28.89 46.09
C SER D 68 -17.56 28.26 44.82
N ALA D 69 -17.61 28.99 43.70
CA ALA D 69 -16.97 28.54 42.48
C ALA D 69 -15.47 28.24 42.72
N ASP D 70 -14.85 29.05 43.58
CA ASP D 70 -13.42 28.91 43.92
C ASP D 70 -13.20 27.87 45.00
N LEU D 71 -14.24 27.08 45.28
CA LEU D 71 -14.16 25.93 46.22
C LEU D 71 -13.89 26.30 47.68
N ARG D 72 -14.37 27.46 48.12
CA ARG D 72 -14.31 27.79 49.54
C ARG D 72 -15.73 27.75 50.11
N TRP D 73 -15.84 27.27 51.34
CA TRP D 73 -17.12 27.34 52.07
C TRP D 73 -17.31 28.74 52.65
N GLU D 74 -18.48 29.32 52.37
CA GLU D 74 -18.84 30.63 52.91
C GLU D 74 -20.28 30.60 53.40
N GLU D 75 -20.66 31.53 54.28
CA GLU D 75 -22.08 31.64 54.66
C GLU D 75 -22.93 31.77 53.38
N ALA D 76 -24.00 30.99 53.31
CA ALA D 76 -24.85 31.01 52.12
C ALA D 76 -25.79 32.21 52.10
N HIS D 77 -25.97 32.78 50.91
CA HIS D 77 -26.92 33.87 50.68
C HIS D 77 -27.51 33.68 49.29
N GLU D 78 -28.80 33.90 49.13
CA GLU D 78 -29.34 33.96 47.78
C GLU D 78 -28.73 35.20 47.14
N PRO D 79 -28.53 35.19 45.81
CA PRO D 79 -28.72 34.08 44.90
C PRO D 79 -27.54 33.14 45.03
N LEU D 80 -27.82 31.86 45.21
CA LEU D 80 -26.78 30.85 45.45
C LEU D 80 -25.94 30.53 44.22
N HIS D 81 -26.37 30.93 43.01
CA HIS D 81 -25.67 30.50 41.79
C HIS D 81 -24.99 31.63 41.03
N VAL D 82 -24.78 32.77 41.70
CA VAL D 82 -24.20 33.90 40.96
C VAL D 82 -22.86 33.56 40.28
N ASP D 83 -21.97 32.87 40.99
CA ASP D 83 -20.64 32.52 40.45
C ASP D 83 -20.60 31.12 39.77
N ILE D 84 -21.78 30.52 39.61
CA ILE D 84 -21.93 29.19 39.03
C ILE D 84 -22.65 29.26 37.68
N ASP D 85 -23.86 29.82 37.69
CA ASP D 85 -24.66 30.01 36.48
C ASP D 85 -24.18 31.29 35.81
N THR D 86 -22.93 31.28 35.33
CA THR D 86 -22.27 32.51 34.94
C THR D 86 -22.83 33.01 33.60
N GLY D 87 -22.79 34.33 33.44
CA GLY D 87 -23.39 34.96 32.26
C GLY D 87 -24.93 35.07 32.31
N LYS D 88 -25.52 34.65 33.42
CA LYS D 88 -26.97 34.74 33.58
C LYS D 88 -27.26 35.44 34.91
N VAL D 89 -28.24 36.36 34.92
CA VAL D 89 -28.61 37.06 36.15
C VAL D 89 -29.47 36.14 37.01
N CYS D 90 -28.97 35.87 38.21
CA CYS D 90 -29.60 34.94 39.15
C CYS D 90 -30.46 35.65 40.19
N GLY D 91 -31.50 34.96 40.61
CA GLY D 91 -32.33 35.41 41.72
C GLY D 91 -32.59 34.27 42.68
N VAL D 92 -33.76 34.33 43.32
CA VAL D 92 -34.08 33.32 44.33
C VAL D 92 -34.41 31.96 43.67
N GLY D 93 -33.75 30.91 44.22
CA GLY D 93 -34.08 29.53 43.87
C GLY D 93 -34.64 28.87 45.14
N PRO D 94 -34.73 27.52 45.14
CA PRO D 94 -35.35 26.82 46.29
C PRO D 94 -34.36 26.43 47.38
N GLY D 95 -33.07 26.70 47.18
CA GLY D 95 -32.04 26.11 48.08
C GLY D 95 -32.01 26.63 49.50
N MET D 96 -32.11 27.95 49.70
CA MET D 96 -32.13 28.49 51.08
C MET D 96 -33.44 28.13 51.81
N ALA D 97 -34.54 28.13 51.07
CA ALA D 97 -35.81 27.78 51.70
C ALA D 97 -35.75 26.30 52.11
N PHE D 98 -35.16 25.45 51.24
CA PHE D 98 -34.93 24.07 51.60
C PHE D 98 -34.08 23.97 52.86
N ALA D 99 -32.94 24.65 52.86
CA ALA D 99 -31.97 24.50 53.96
C ALA D 99 -32.63 24.89 55.28
N ASN D 100 -33.32 26.02 55.31
CA ASN D 100 -33.96 26.45 56.57
C ASN D 100 -35.07 25.50 57.02
N ALA D 101 -35.74 24.87 56.07
CA ALA D 101 -36.87 23.98 56.40
C ALA D 101 -36.41 22.57 56.75
N VAL D 102 -35.10 22.28 56.60
CA VAL D 102 -34.58 21.00 57.12
C VAL D 102 -33.63 21.12 58.31
N LYS D 103 -32.96 22.26 58.46
CA LYS D 103 -31.79 22.29 59.34
C LYS D 103 -32.04 21.76 60.76
N ASN D 104 -33.10 22.28 61.37
CA ASN D 104 -33.37 21.98 62.78
C ASN D 104 -34.08 20.64 62.99
N ARG D 105 -34.23 19.88 61.91
CA ARG D 105 -34.70 18.48 61.96
C ARG D 105 -33.62 17.45 61.58
N LEU D 106 -32.44 17.89 61.13
CA LEU D 106 -31.38 16.94 60.76
C LEU D 106 -30.78 16.28 62.00
N SER D 110 -26.21 20.19 66.15
CA SER D 110 -24.85 20.19 65.59
C SER D 110 -24.80 20.24 64.06
N ALA D 111 -25.95 20.31 63.40
CA ALA D 111 -26.01 20.26 61.91
C ALA D 111 -25.40 21.50 61.28
N VAL D 112 -24.49 21.29 60.33
CA VAL D 112 -24.01 22.39 59.53
C VAL D 112 -24.23 21.98 58.10
N ILE D 113 -25.11 22.71 57.42
CA ILE D 113 -25.50 22.36 56.05
C ILE D 113 -24.50 22.96 55.10
N GLY D 114 -24.13 22.20 54.06
CA GLY D 114 -23.37 22.77 52.98
C GLY D 114 -24.13 22.61 51.66
N LEU D 115 -24.38 23.72 50.97
CA LEU D 115 -25.08 23.68 49.68
C LEU D 115 -24.05 23.79 48.56
N VAL D 116 -24.20 22.95 47.53
CA VAL D 116 -23.20 22.88 46.45
C VAL D 116 -23.93 23.24 45.17
N PRO D 117 -24.01 24.55 44.85
CA PRO D 117 -24.72 24.87 43.61
C PRO D 117 -23.99 24.49 42.34
N CYS D 118 -24.73 23.85 41.42
CA CYS D 118 -24.12 23.39 40.18
C CYS D 118 -24.97 23.65 38.95
N ALA D 119 -26.16 24.25 39.14
CA ALA D 119 -27.11 24.38 38.02
C ALA D 119 -26.60 25.34 36.92
N SER D 120 -27.17 25.20 35.71
CA SER D 120 -26.74 26.00 34.56
C SER D 120 -27.99 26.30 33.73
N GLY D 121 -28.27 27.59 33.56
CA GLY D 121 -29.50 27.98 32.85
C GLY D 121 -29.55 27.51 31.38
N GLY D 122 -30.75 27.15 30.92
CA GLY D 122 -30.98 26.94 29.49
C GLY D 122 -30.43 25.64 28.97
N THR D 123 -30.21 24.69 29.86
CA THR D 123 -29.54 23.43 29.48
C THR D 123 -30.49 22.26 29.41
N ALA D 124 -30.38 21.52 28.30
CA ALA D 124 -31.13 20.28 28.11
C ALA D 124 -30.32 19.14 28.73
N ILE D 125 -31.00 18.01 28.98
CA ILE D 125 -30.31 16.92 29.70
C ILE D 125 -29.14 16.32 28.90
N LYS D 126 -29.15 16.43 27.56
CA LYS D 126 -27.98 15.93 26.79
C LYS D 126 -26.72 16.67 27.24
N GLU D 127 -26.87 17.87 27.81
CA GLU D 127 -25.66 18.64 28.23
C GLU D 127 -25.14 18.14 29.57
N TRP D 128 -25.81 17.13 30.09
CA TRP D 128 -25.47 16.55 31.41
C TRP D 128 -25.02 15.10 31.33
N GLU D 129 -24.68 14.64 30.13
CA GLU D 129 -24.14 13.29 29.95
C GLU D 129 -22.83 13.13 30.68
N ARG D 130 -22.55 11.90 31.11
CA ARG D 130 -21.23 11.61 31.72
C ARG D 130 -20.15 12.04 30.78
N GLY D 131 -19.14 12.70 31.32
CA GLY D 131 -18.06 13.27 30.53
C GLY D 131 -18.24 14.68 30.00
N SER D 132 -19.46 15.21 30.08
CA SER D 132 -19.71 16.59 29.63
C SER D 132 -19.15 17.58 30.64
N HIS D 133 -18.97 18.82 30.20
CA HIS D 133 -18.50 19.88 31.05
C HIS D 133 -19.38 20.00 32.30
N LEU D 134 -20.70 20.10 32.12
CA LEU D 134 -21.59 20.38 33.25
C LEU D 134 -21.66 19.19 34.20
N TYR D 135 -21.67 17.99 33.63
CA TYR D 135 -21.70 16.80 34.49
C TYR D 135 -20.39 16.70 35.28
N GLU D 136 -19.28 16.91 34.60
CA GLU D 136 -17.99 16.76 35.29
C GLU D 136 -17.81 17.89 36.32
N ARG D 137 -18.38 19.06 36.05
CA ARG D 137 -18.36 20.14 37.04
C ARG D 137 -19.15 19.73 38.29
N MET D 138 -20.33 19.17 38.08
CA MET D 138 -21.14 18.73 39.24
C MET D 138 -20.41 17.65 40.05
N VAL D 139 -19.85 16.67 39.36
CA VAL D 139 -19.13 15.62 40.09
C VAL D 139 -17.89 16.18 40.81
N LYS D 140 -17.13 17.03 40.13
CA LYS D 140 -15.93 17.63 40.75
C LYS D 140 -16.28 18.44 42.01
N ARG D 141 -17.31 19.30 41.88
CA ARG D 141 -17.70 20.10 43.04
C ARG D 141 -18.22 19.24 44.18
N THR D 142 -18.97 18.19 43.84
CA THR D 142 -19.44 17.25 44.87
C THR D 142 -18.28 16.55 45.57
N GLU D 143 -17.29 16.14 44.78
CA GLU D 143 -16.11 15.48 45.38
C GLU D 143 -15.37 16.45 46.29
N GLU D 144 -15.19 17.68 45.83
CA GLU D 144 -14.46 18.69 46.60
C GLU D 144 -15.19 19.00 47.91
N SER D 145 -16.52 19.03 47.84
CA SER D 145 -17.33 19.34 49.03
C SER D 145 -17.14 18.29 50.14
N ARG D 146 -16.77 17.06 49.76
CA ARG D 146 -16.65 15.92 50.67
C ARG D 146 -15.29 15.90 51.37
N LYS D 147 -14.36 16.71 50.90
CA LYS D 147 -12.97 16.67 51.42
C LYS D 147 -12.96 17.02 52.91
N CYS D 148 -13.87 17.90 53.31
CA CYS D 148 -13.97 18.32 54.73
C CYS D 148 -14.58 17.20 55.62
N GLY D 149 -14.88 16.05 55.00
CA GLY D 149 -15.44 14.88 55.68
C GLY D 149 -16.96 14.88 55.84
N GLY D 150 -17.65 15.90 55.32
CA GLY D 150 -19.11 15.94 55.38
C GLY D 150 -19.73 14.87 54.49
N GLU D 151 -20.97 14.44 54.81
CA GLU D 151 -21.64 13.42 54.00
C GLU D 151 -22.55 14.05 52.98
N ILE D 152 -22.56 13.51 51.77
CA ILE D 152 -23.50 14.00 50.76
C ILE D 152 -24.87 13.36 51.08
N LYS D 153 -25.84 14.18 51.43
CA LYS D 153 -27.14 13.67 51.87
C LYS D 153 -28.14 13.46 50.74
N ALA D 154 -28.12 14.34 49.74
CA ALA D 154 -29.00 14.20 48.60
C ALA D 154 -28.55 15.12 47.47
N VAL D 155 -29.01 14.77 46.28
CA VAL D 155 -28.97 15.70 45.15
C VAL D 155 -30.39 16.19 44.93
N LEU D 156 -30.53 17.52 44.81
CA LEU D 156 -31.80 18.15 44.47
C LEU D 156 -31.68 18.58 43.02
N TRP D 157 -32.56 18.08 42.18
CA TRP D 157 -32.44 18.27 40.73
C TRP D 157 -33.72 18.87 40.21
N TYR D 158 -33.61 19.98 39.47
CA TYR D 158 -34.80 20.58 38.84
C TYR D 158 -34.40 20.98 37.44
N GLN D 159 -34.84 20.20 36.48
CA GLN D 159 -34.44 20.46 35.11
C GLN D 159 -35.46 19.84 34.17
N GLY D 160 -35.51 20.33 32.94
CA GLY D 160 -36.30 19.62 31.94
C GLY D 160 -37.04 20.57 31.02
N GLU D 161 -37.13 21.84 31.41
CA GLU D 161 -37.79 22.82 30.55
C GLU D 161 -37.16 22.86 29.16
N SER D 162 -35.86 22.59 29.04
CA SER D 162 -35.24 22.62 27.73
C SER D 162 -35.42 21.35 26.93
N ASP D 163 -35.98 20.31 27.55
CA ASP D 163 -36.25 19.03 26.89
C ASP D 163 -37.65 18.89 26.32
N VAL D 164 -38.46 19.94 26.45
CA VAL D 164 -39.85 19.86 25.94
C VAL D 164 -39.96 20.30 24.50
N LEU D 165 -38.94 20.95 23.96
CA LEU D 165 -39.04 21.62 22.69
C LEU D 165 -39.08 20.61 21.52
N ASP D 166 -38.30 19.55 21.64
CA ASP D 166 -38.17 18.58 20.57
C ASP D 166 -38.77 17.28 21.07
N ILE D 167 -39.71 16.72 20.32
CA ILE D 167 -40.35 15.43 20.73
C ILE D 167 -39.34 14.30 20.97
N HIS D 168 -38.21 14.30 20.25
CA HIS D 168 -37.16 13.27 20.47
C HIS D 168 -36.56 13.39 21.88
N ASP D 169 -36.32 14.64 22.31
CA ASP D 169 -35.78 14.88 23.66
C ASP D 169 -36.83 14.49 24.69
N ALA D 170 -38.08 14.91 24.45
CA ALA D 170 -39.14 14.65 25.44
C ALA D 170 -39.35 13.13 25.61
N GLU D 171 -39.32 12.42 24.49
CA GLU D 171 -39.58 10.96 24.52
C GLU D 171 -38.41 10.17 25.09
N SER D 172 -37.22 10.79 25.13
CA SER D 172 -36.06 10.09 25.70
C SER D 172 -35.74 10.55 27.13
N TYR D 173 -36.51 11.49 27.64
CA TYR D 173 -36.17 12.13 28.93
C TYR D 173 -36.02 11.10 30.07
N GLY D 174 -36.97 10.19 30.16
CA GLY D 174 -36.92 9.20 31.28
C GLY D 174 -35.66 8.35 31.24
N ASN D 175 -35.32 7.85 30.05
CA ASN D 175 -34.10 7.06 29.88
C ASN D 175 -32.86 7.87 30.24
N ASN D 176 -32.86 9.16 29.83
CA ASN D 176 -31.74 10.00 30.06
C ASN D 176 -31.56 10.29 31.55
N MET D 177 -32.71 10.51 32.23
CA MET D 177 -32.65 10.81 33.67
C MET D 177 -32.16 9.58 34.43
N ASP D 178 -32.66 8.40 34.04
CA ASP D 178 -32.19 7.14 34.68
C ASP D 178 -30.68 7.04 34.51
N ARG D 179 -30.18 7.34 33.31
CA ARG D 179 -28.75 7.24 33.06
C ARG D 179 -27.99 8.25 33.94
N LEU D 180 -28.52 9.48 34.06
CA LEU D 180 -27.83 10.48 34.86
C LEU D 180 -27.68 10.00 36.33
N ILE D 181 -28.75 9.45 36.87
CA ILE D 181 -28.76 8.98 38.27
C ILE D 181 -27.77 7.84 38.45
N LYS D 182 -27.78 6.90 37.52
CA LYS D 182 -26.84 5.77 37.56
C LYS D 182 -25.41 6.26 37.49
N ASN D 183 -25.16 7.22 36.59
CA ASN D 183 -23.84 7.76 36.41
C ASN D 183 -23.35 8.42 37.68
N LEU D 184 -24.21 9.27 38.28
CA LEU D 184 -23.80 10.04 39.46
C LEU D 184 -23.49 9.10 40.59
N ARG D 185 -24.37 8.13 40.79
CA ARG D 185 -24.15 7.16 41.90
C ARG D 185 -22.88 6.36 41.69
N HIS D 186 -22.58 6.04 40.44
CA HIS D 186 -21.38 5.27 40.17
C HIS D 186 -20.13 6.14 40.41
N ASP D 187 -20.12 7.35 39.83
CA ASP D 187 -18.90 8.16 39.86
C ASP D 187 -18.56 8.63 41.26
N LEU D 188 -19.58 8.80 42.09
CA LEU D 188 -19.37 9.22 43.47
C LEU D 188 -19.27 8.05 44.38
N ASN D 189 -19.38 6.84 43.83
CA ASN D 189 -19.38 5.63 44.66
C ASN D 189 -20.34 5.74 45.85
N LEU D 190 -21.58 6.09 45.54
CA LEU D 190 -22.66 6.23 46.51
C LEU D 190 -23.90 5.58 45.90
N PRO D 191 -23.95 4.23 45.94
CA PRO D 191 -25.01 3.48 45.26
C PRO D 191 -26.43 3.83 45.70
N SER D 192 -26.61 4.40 46.89
CA SER D 192 -27.94 4.75 47.38
C SER D 192 -28.09 6.22 47.58
N LEU D 193 -27.25 7.02 46.93
CA LEU D 193 -27.35 8.48 47.11
C LEU D 193 -28.79 8.91 46.77
N PRO D 194 -29.50 9.53 47.73
CA PRO D 194 -30.84 10.08 47.43
C PRO D 194 -30.88 11.12 46.33
N ILE D 195 -31.86 10.97 45.45
CA ILE D 195 -32.11 11.98 44.41
C ILE D 195 -33.56 12.46 44.59
N ILE D 196 -33.74 13.78 44.64
CA ILE D 196 -35.10 14.37 44.66
C ILE D 196 -35.19 15.24 43.45
N GLN D 197 -36.00 14.81 42.49
CA GLN D 197 -36.17 15.58 41.26
C GLN D 197 -37.51 16.31 41.27
N VAL D 198 -37.66 17.24 40.34
CA VAL D 198 -38.83 18.11 40.30
C VAL D 198 -39.56 17.91 38.98
N ALA D 199 -40.83 17.54 39.04
CA ALA D 199 -41.60 17.46 37.80
C ALA D 199 -41.93 18.87 37.38
N ILE D 200 -41.54 19.22 36.18
CA ILE D 200 -41.50 20.62 35.78
C ILE D 200 -42.87 21.31 35.74
N ALA D 201 -42.88 22.62 35.99
CA ALA D 201 -44.12 23.42 36.10
C ALA D 201 -44.44 24.12 34.80
N SER D 202 -43.45 24.15 33.92
CA SER D 202 -43.48 25.07 32.79
C SER D 202 -42.56 24.64 31.68
N GLY D 203 -42.73 25.29 30.53
CA GLY D 203 -41.84 25.09 29.40
C GLY D 203 -42.61 25.01 28.09
N GLY D 204 -43.89 24.62 28.15
CA GLY D 204 -44.68 24.45 26.90
C GLY D 204 -44.26 23.17 26.16
N GLY D 205 -44.43 23.16 24.83
CA GLY D 205 -44.01 21.99 24.05
C GLY D 205 -44.53 20.68 24.62
N TYR D 206 -43.65 19.70 24.68
CA TYR D 206 -43.97 18.35 25.16
C TYR D 206 -43.79 18.21 26.67
N ILE D 207 -44.23 19.23 27.39
CA ILE D 207 -44.13 19.21 28.84
C ILE D 207 -44.84 18.00 29.46
N ASP D 208 -45.98 17.59 28.91
CA ASP D 208 -46.68 16.44 29.50
C ASP D 208 -45.85 15.16 29.40
N LYS D 209 -45.17 14.95 28.27
CA LYS D 209 -44.24 13.78 28.17
C LYS D 209 -43.07 13.85 29.18
N VAL D 210 -42.49 15.03 29.35
CA VAL D 210 -41.36 15.16 30.29
C VAL D 210 -41.85 14.92 31.73
N ARG D 211 -42.98 15.53 32.06
CA ARG D 211 -43.55 15.37 33.43
C ARG D 211 -43.88 13.89 33.67
N GLU D 212 -44.47 13.23 32.68
CA GLU D 212 -44.79 11.79 32.82
C GLU D 212 -43.53 11.00 33.13
N ALA D 213 -42.43 11.36 32.45
CA ALA D 213 -41.17 10.64 32.68
C ALA D 213 -40.65 10.86 34.07
N GLN D 214 -40.78 12.09 34.55
CA GLN D 214 -40.25 12.49 35.86
C GLN D 214 -41.03 11.84 36.95
N LEU D 215 -42.35 12.00 36.86
CA LEU D 215 -43.24 11.38 37.87
C LEU D 215 -43.17 9.84 37.85
N GLY D 216 -42.94 9.24 36.69
CA GLY D 216 -43.06 7.78 36.56
C GLY D 216 -41.76 7.04 36.76
N LEU D 217 -40.65 7.76 36.89
CA LEU D 217 -39.37 7.10 37.05
C LEU D 217 -39.24 6.41 38.42
N LYS D 218 -39.16 5.07 38.41
CA LYS D 218 -39.17 4.34 39.66
C LYS D 218 -37.81 3.70 39.89
N LEU D 219 -37.08 4.26 40.85
CA LEU D 219 -35.73 3.82 41.19
C LEU D 219 -35.58 3.94 42.68
N SER D 220 -34.80 3.03 43.24
CA SER D 220 -34.51 3.08 44.65
C SER D 220 -33.92 4.44 45.04
N ASN D 221 -34.42 4.99 46.15
CA ASN D 221 -34.00 6.29 46.71
C ASN D 221 -34.10 7.49 45.77
N VAL D 222 -35.06 7.42 44.86
CA VAL D 222 -35.36 8.56 44.00
C VAL D 222 -36.80 8.95 44.24
N VAL D 223 -37.00 10.24 44.53
CA VAL D 223 -38.36 10.74 44.79
C VAL D 223 -38.60 11.91 43.86
N CYS D 224 -39.86 12.15 43.52
CA CYS D 224 -40.20 13.29 42.67
C CYS D 224 -41.17 14.21 43.44
N VAL D 225 -40.84 15.49 43.48
CA VAL D 225 -41.76 16.52 43.97
C VAL D 225 -42.34 17.22 42.74
N ASP D 226 -43.62 17.59 42.77
CA ASP D 226 -44.29 18.19 41.64
C ASP D 226 -44.41 19.70 41.79
N ALA D 227 -43.80 20.44 40.87
CA ALA D 227 -43.87 21.91 40.86
C ALA D 227 -45.09 22.44 40.10
N LYS D 228 -45.87 21.55 39.48
CA LYS D 228 -47.05 22.02 38.74
C LYS D 228 -47.97 22.83 39.64
N GLY D 229 -48.37 23.99 39.13
CA GLY D 229 -49.31 24.86 39.83
C GLY D 229 -48.66 25.96 40.64
N LEU D 230 -47.33 25.90 40.80
CA LEU D 230 -46.62 26.95 41.55
C LEU D 230 -46.61 28.21 40.69
N PRO D 231 -46.68 29.40 41.32
CA PRO D 231 -46.78 30.64 40.52
C PRO D 231 -45.58 30.92 39.62
N LEU D 232 -45.90 31.33 38.40
CA LEU D 232 -44.85 31.62 37.41
C LEU D 232 -44.77 33.11 37.21
N LYS D 233 -43.59 33.56 36.80
CA LYS D 233 -43.37 34.97 36.47
C LYS D 233 -44.08 35.31 35.16
N SER D 234 -43.91 36.54 34.70
CA SER D 234 -44.68 36.99 33.54
C SER D 234 -44.24 36.30 32.26
N ASP D 235 -43.05 35.75 32.25
CA ASP D 235 -42.59 34.95 31.13
C ASP D 235 -43.24 33.57 31.00
N ASN D 236 -44.07 33.20 31.99
CA ASN D 236 -44.78 31.92 31.99
C ASN D 236 -43.81 30.75 31.98
N LEU D 237 -42.59 30.99 32.47
CA LEU D 237 -41.57 29.95 32.45
C LEU D 237 -40.81 29.79 33.76
N HIS D 238 -40.56 30.88 34.47
CA HIS D 238 -39.75 30.76 35.68
C HIS D 238 -40.57 30.95 36.93
N LEU D 239 -40.24 30.20 37.98
CA LEU D 239 -40.95 30.34 39.24
C LEU D 239 -40.70 31.68 39.88
N THR D 240 -41.76 32.22 40.48
CA THR D 240 -41.58 33.47 41.27
C THR D 240 -40.83 33.16 42.57
N THR D 241 -40.43 34.21 43.26
CA THR D 241 -39.78 34.07 44.54
C THR D 241 -40.71 33.32 45.51
N GLU D 242 -41.98 33.68 45.58
CA GLU D 242 -42.89 32.94 46.52
C GLU D 242 -42.97 31.48 46.12
N ALA D 243 -43.00 31.21 44.79
CA ALA D 243 -43.04 29.81 44.31
C ALA D 243 -41.81 29.01 44.76
N GLN D 244 -40.66 29.66 44.74
CA GLN D 244 -39.39 29.04 45.07
C GLN D 244 -39.38 28.72 46.55
N VAL D 245 -39.93 29.61 47.39
CA VAL D 245 -40.06 29.24 48.81
C VAL D 245 -40.91 27.98 48.95
N GLN D 246 -42.09 27.96 48.31
CA GLN D 246 -42.95 26.79 48.44
C GLN D 246 -42.25 25.54 47.93
N LEU D 247 -41.55 25.65 46.82
CA LEU D 247 -40.81 24.45 46.32
C LEU D 247 -39.74 24.02 47.30
N GLY D 248 -39.00 24.99 47.84
CA GLY D 248 -38.02 24.68 48.92
C GLY D 248 -38.65 23.92 50.07
N LEU D 249 -39.84 24.37 50.51
CA LEU D 249 -40.50 23.71 51.64
C LEU D 249 -40.92 22.31 51.28
N SER D 250 -41.35 22.14 50.02
CA SER D 250 -41.80 20.83 49.52
C SER D 250 -40.63 19.86 49.40
N LEU D 251 -39.51 20.35 48.87
CA LEU D 251 -38.27 19.55 48.80
C LEU D 251 -37.81 19.13 50.20
N ALA D 252 -37.89 20.07 51.15
CA ALA D 252 -37.50 19.79 52.56
C ALA D 252 -38.35 18.67 53.11
N GLN D 253 -39.66 18.75 52.90
CA GLN D 253 -40.57 17.74 53.46
C GLN D 253 -40.31 16.39 52.81
N ALA D 254 -40.02 16.38 51.52
CA ALA D 254 -39.73 15.13 50.83
C ALA D 254 -38.42 14.56 51.34
N TYR D 255 -37.42 15.43 51.58
CA TYR D 255 -36.15 14.91 52.10
C TYR D 255 -36.39 14.27 53.49
N LEU D 256 -37.04 15.01 54.36
CA LEU D 256 -37.16 14.54 55.76
C LEU D 256 -38.04 13.31 55.88
N SER D 257 -39.05 13.18 55.00
CA SER D 257 -40.02 12.11 55.12
C SER D 257 -39.48 10.81 54.52
N ASN D 258 -38.57 10.95 53.54
CA ASN D 258 -38.04 9.81 52.79
C ASN D 258 -36.68 9.26 53.21
N PHE D 259 -35.80 10.14 53.69
CA PHE D 259 -34.39 9.78 53.81
C PHE D 259 -33.81 9.98 55.18
N CYS D 260 -34.67 10.36 56.13
CA CYS D 260 -34.23 10.51 57.50
C CYS D 260 -34.95 9.54 58.44
#